data_3LOB
#
_entry.id   3LOB
#
_cell.length_a   477.088
_cell.length_b   404.929
_cell.length_c   476.189
_cell.angle_alpha   90.00
_cell.angle_beta   90.63
_cell.angle_gamma   90.00
#
_symmetry.space_group_name_H-M   'C 1 2 1'
#
loop_
_entity.id
_entity.type
_entity.pdbx_description
1 polymer 'Coat protein beta'
2 polymer 'Coat protein gamma'
3 polymer "RNA (5'-R(*UP*UP*U*AP*UP*CP*UP*(P))-3')"
4 non-polymer 'SULFATE ION'
#
loop_
_entity_poly.entity_id
_entity_poly.type
_entity_poly.pdbx_seq_one_letter_code
_entity_poly.pdbx_strand_id
1 'polypeptide(L)'
;MVNNNRPRRQRAQRVVVTTTQTAPVPQQNVPRNGRRRRNRTRRNRRRVRGMNMAALTRLSQPGLAFLKCAFAPPDFNTDP
GKGIPDRFEGKVVSRKDVLNQSISFTAGQDTFILIAPTPGVAYWSASVPAGTFPTSATTFNPVNYPGFTSMFGTTSTSRS
NQVSSFRYASMNVGIYPTSNLMQFAGSITVWKCPVKLSTVQFPVATDPATSSLVHTLVGLNGVLAVGPDNFSESFIKGVF
SQSACNEPNFQFNDILQGIQTLPPANVSLGSTGQPFTMDSGAEATSGVVGWGNMDTIVIRVSAPEGAVNSAILKAWSCIE
YRPNPNAMLYQFGHDSPPLDEVALQEYRTVARSLPVAVIAAQN
;
A,B,C
2 'polypeptide(L)' ASMWERVKSIIKSSLAAASNIPGPIGVAASGISGLSALFEGFGF D,E,F
3 'polyribonucleotide' UUUAUCU(P) R
#
# COMPACT_ATOMS: atom_id res chain seq x y z
N THR A 22 41.98 -26.18 -11.84
CA THR A 22 40.59 -26.15 -11.29
C THR A 22 39.57 -26.04 -12.41
N ALA A 23 38.43 -26.70 -12.22
CA ALA A 23 37.36 -26.71 -13.20
C ALA A 23 36.31 -25.64 -12.88
N PRO A 24 36.01 -24.75 -13.85
CA PRO A 24 35.02 -23.71 -13.61
C PRO A 24 33.59 -24.31 -13.52
N VAL A 25 32.85 -23.91 -12.50
CA VAL A 25 31.51 -24.41 -12.31
C VAL A 25 30.52 -23.97 -13.37
N PRO A 26 29.45 -24.74 -13.50
CA PRO A 26 28.42 -24.45 -14.47
C PRO A 26 27.19 -23.97 -13.72
N GLN A 27 26.70 -22.79 -14.09
CA GLN A 27 25.53 -22.21 -13.47
C GLN A 27 24.45 -22.30 -14.53
N GLN A 28 23.32 -22.92 -14.16
CA GLN A 28 22.23 -23.08 -15.11
C GLN A 28 21.12 -22.05 -14.86
N THR A 57 -3.76 18.49 -27.20
CA THR A 57 -4.52 19.76 -27.03
C THR A 57 -6.02 19.51 -26.81
N ARG A 58 -6.44 18.25 -26.96
CA ARG A 58 -7.86 17.89 -26.79
C ARG A 58 -8.16 16.86 -25.68
N LEU A 59 -7.59 17.11 -24.50
CA LEU A 59 -7.82 16.23 -23.35
C LEU A 59 -9.33 15.96 -23.23
N SER A 60 -9.72 14.74 -22.84
CA SER A 60 -11.13 14.43 -22.71
C SER A 60 -11.82 15.49 -21.86
N GLN A 61 -13.12 15.70 -22.05
CA GLN A 61 -13.83 16.71 -21.28
C GLN A 61 -13.80 16.44 -19.76
N PRO A 62 -13.65 15.17 -19.32
CA PRO A 62 -13.60 14.94 -17.87
C PRO A 62 -12.29 15.43 -17.23
N GLY A 63 -11.21 15.44 -18.01
CA GLY A 63 -9.91 15.90 -17.56
C GLY A 63 -9.87 17.42 -17.72
N LEU A 64 -10.92 17.93 -18.35
CA LEU A 64 -11.14 19.36 -18.60
C LEU A 64 -11.85 19.89 -17.35
N ALA A 65 -12.80 19.09 -16.85
CA ALA A 65 -13.60 19.40 -15.65
C ALA A 65 -12.82 18.98 -14.39
N PHE A 66 -11.98 17.95 -14.55
CA PHE A 66 -11.13 17.42 -13.48
C PHE A 66 -9.96 18.37 -13.19
N LEU A 67 -9.25 18.77 -14.24
CA LEU A 67 -8.11 19.70 -14.08
C LEU A 67 -8.60 21.00 -13.47
N LYS A 68 -9.83 21.40 -13.82
CA LYS A 68 -10.42 22.62 -13.29
C LYS A 68 -10.75 22.47 -11.81
N CYS A 69 -10.96 21.24 -11.35
CA CYS A 69 -11.26 20.97 -9.93
C CYS A 69 -10.06 21.35 -9.08
N ALA A 70 -8.88 21.01 -9.59
CA ALA A 70 -7.62 21.27 -8.89
C ALA A 70 -7.18 22.72 -8.68
N PHE A 71 -7.20 23.54 -9.73
CA PHE A 71 -6.74 24.94 -9.61
C PHE A 71 -7.77 26.03 -9.95
N ALA A 72 -9.05 25.68 -9.95
CA ALA A 72 -10.09 26.64 -10.25
C ALA A 72 -10.84 27.02 -8.98
N PRO A 73 -10.85 28.33 -8.64
CA PRO A 73 -11.52 28.84 -7.44
C PRO A 73 -12.96 28.29 -7.24
N PRO A 74 -13.52 28.43 -6.02
CA PRO A 74 -14.87 27.97 -5.69
C PRO A 74 -15.94 28.92 -6.21
N ASP A 75 -15.50 30.08 -6.69
CA ASP A 75 -16.41 31.08 -7.26
C ASP A 75 -16.67 30.78 -8.73
N PHE A 76 -15.86 29.90 -9.31
CA PHE A 76 -16.06 29.53 -10.69
C PHE A 76 -17.18 28.50 -10.72
N ASN A 77 -17.52 28.01 -9.53
CA ASN A 77 -18.58 27.03 -9.35
C ASN A 77 -18.31 25.81 -10.20
N THR A 78 -17.04 25.46 -10.28
CA THR A 78 -16.63 24.32 -11.07
C THR A 78 -17.18 23.03 -10.52
N ASP A 79 -17.62 22.15 -11.42
CA ASP A 79 -18.17 20.86 -10.99
C ASP A 79 -17.08 19.79 -10.76
N PRO A 80 -17.37 18.78 -9.91
CA PRO A 80 -16.42 17.69 -9.61
C PRO A 80 -16.00 16.79 -10.81
N GLY A 81 -16.86 16.70 -11.83
CA GLY A 81 -16.59 15.89 -13.00
C GLY A 81 -16.73 14.40 -12.71
N LYS A 82 -16.80 13.56 -13.74
CA LYS A 82 -16.93 12.12 -13.54
C LYS A 82 -15.90 11.60 -12.51
N GLY A 83 -14.73 12.23 -12.49
CA GLY A 83 -13.68 11.84 -11.56
C GLY A 83 -12.28 12.07 -12.12
N ILE A 84 -11.35 11.18 -11.84
CA ILE A 84 -10.00 11.34 -12.33
C ILE A 84 -9.85 10.47 -13.56
N PRO A 85 -8.92 10.83 -14.44
CA PRO A 85 -8.76 9.99 -15.63
C PRO A 85 -7.90 8.87 -15.11
N ASP A 86 -8.49 8.15 -14.17
CA ASP A 86 -7.86 7.03 -13.51
C ASP A 86 -7.80 5.86 -14.47
N ARG A 87 -6.73 5.09 -14.37
CA ARG A 87 -6.57 3.95 -15.23
C ARG A 87 -7.81 3.15 -14.91
N PHE A 88 -8.15 3.14 -13.62
CA PHE A 88 -9.31 2.43 -13.12
C PHE A 88 -10.62 2.99 -13.65
N GLU A 89 -11.56 2.09 -13.95
CA GLU A 89 -12.87 2.46 -14.47
C GLU A 89 -13.98 2.26 -13.43
N GLY A 90 -13.64 1.70 -12.28
CA GLY A 90 -14.60 1.45 -11.22
C GLY A 90 -15.66 2.49 -10.88
N LYS A 91 -16.66 2.05 -10.13
CA LYS A 91 -17.75 2.91 -9.72
C LYS A 91 -17.32 3.81 -8.60
N VAL A 92 -17.51 5.10 -8.79
CA VAL A 92 -17.18 6.08 -7.78
C VAL A 92 -18.05 7.33 -7.83
N VAL A 93 -18.22 7.96 -6.68
CA VAL A 93 -19.01 9.19 -6.60
C VAL A 93 -18.09 10.29 -6.09
N SER A 94 -17.89 11.32 -6.91
CA SER A 94 -17.03 12.42 -6.51
C SER A 94 -17.84 13.52 -5.85
N ARG A 95 -17.18 14.29 -4.98
CA ARG A 95 -17.84 15.36 -4.27
C ARG A 95 -16.90 16.52 -4.00
N LYS A 96 -17.39 17.74 -4.23
CA LYS A 96 -16.60 18.95 -4.00
C LYS A 96 -17.01 19.57 -2.66
N ASP A 97 -16.13 19.48 -1.66
CA ASP A 97 -16.39 20.00 -0.32
C ASP A 97 -15.96 21.44 -0.16
N VAL A 98 -16.91 22.33 0.10
CA VAL A 98 -16.59 23.76 0.31
C VAL A 98 -17.09 24.22 1.68
N LEU A 99 -16.24 24.94 2.38
CA LEU A 99 -16.56 25.43 3.71
C LEU A 99 -16.10 26.87 3.92
N ASN A 100 -17.03 27.75 4.29
CA ASN A 100 -16.73 29.16 4.55
C ASN A 100 -16.74 29.43 6.05
N GLN A 101 -15.62 29.94 6.56
CA GLN A 101 -15.49 30.24 7.99
C GLN A 101 -14.94 31.63 8.27
N SER A 102 -15.79 32.51 8.80
CA SER A 102 -15.39 33.88 9.15
C SER A 102 -14.86 33.88 10.59
N ILE A 103 -13.62 34.33 10.78
CA ILE A 103 -13.01 34.33 12.11
C ILE A 103 -12.06 35.48 12.47
N SER A 104 -11.93 35.69 13.79
CA SER A 104 -11.05 36.71 14.36
C SER A 104 -9.88 36.05 15.06
N PHE A 105 -8.76 36.74 15.07
CA PHE A 105 -7.53 36.21 15.66
C PHE A 105 -7.13 36.86 16.95
N THR A 106 -6.93 36.03 17.97
CA THR A 106 -6.50 36.52 19.26
C THR A 106 -5.13 37.21 19.04
N ALA A 107 -5.08 38.54 19.29
CA ALA A 107 -3.88 39.34 19.11
C ALA A 107 -2.74 38.92 20.03
N GLY A 108 -1.51 39.01 19.54
CA GLY A 108 -0.36 38.62 20.33
C GLY A 108 -0.22 37.11 20.31
N GLN A 109 -1.14 36.45 19.62
CA GLN A 109 -1.12 35.00 19.51
C GLN A 109 -0.90 34.60 18.06
N ASP A 110 0.11 33.76 17.84
CA ASP A 110 0.41 33.27 16.50
C ASP A 110 -0.44 32.01 16.32
N THR A 111 -1.54 32.14 15.59
CA THR A 111 -2.42 31.01 15.35
C THR A 111 -1.93 30.23 14.15
N PHE A 112 -1.64 28.95 14.38
CA PHE A 112 -1.14 28.03 13.34
C PHE A 112 -2.26 27.12 12.86
N ILE A 113 -2.54 27.16 11.56
CA ILE A 113 -3.58 26.33 10.96
C ILE A 113 -2.99 25.48 9.88
N LEU A 114 -3.67 24.40 9.56
CA LEU A 114 -3.20 23.48 8.53
C LEU A 114 -4.34 22.76 7.83
N ILE A 115 -4.06 22.33 6.62
CA ILE A 115 -5.05 21.62 5.82
C ILE A 115 -4.80 20.13 5.97
N ALA A 116 -5.85 19.42 6.36
CA ALA A 116 -5.79 17.97 6.58
C ALA A 116 -6.09 17.07 5.39
N PRO A 117 -5.10 16.24 4.99
CA PRO A 117 -5.31 15.33 3.86
C PRO A 117 -6.36 14.30 4.29
N THR A 118 -6.93 14.52 5.46
CA THR A 118 -7.94 13.62 6.01
C THR A 118 -9.35 14.11 5.72
N PRO A 119 -10.18 13.22 5.20
CA PRO A 119 -11.56 13.51 4.86
C PRO A 119 -12.43 13.80 6.09
N GLY A 120 -13.38 14.71 5.90
CA GLY A 120 -14.32 15.15 6.93
C GLY A 120 -13.92 16.40 7.69
N VAL A 121 -12.64 16.79 7.65
CA VAL A 121 -12.25 18.00 8.37
C VAL A 121 -11.57 19.03 7.48
N ALA A 122 -12.09 20.26 7.49
CA ALA A 122 -11.52 21.32 6.67
C ALA A 122 -10.09 21.77 7.05
N TYR A 123 -9.83 21.89 8.35
CA TYR A 123 -8.51 22.31 8.83
C TYR A 123 -8.38 22.14 10.35
N TRP A 124 -7.16 22.31 10.86
CA TRP A 124 -6.94 22.17 12.30
C TRP A 124 -6.37 23.47 12.84
N SER A 125 -6.83 23.90 14.01
CA SER A 125 -6.33 25.14 14.52
C SER A 125 -5.59 25.00 15.81
N ALA A 126 -4.45 25.64 15.87
CA ALA A 126 -3.64 25.61 17.07
C ALA A 126 -3.23 27.04 17.34
N SER A 127 -3.06 27.40 18.60
CA SER A 127 -2.66 28.77 18.92
C SER A 127 -1.54 28.81 19.93
N VAL A 128 -0.69 29.83 19.82
CA VAL A 128 0.43 29.98 20.73
C VAL A 128 0.98 31.38 20.79
N PRO A 129 1.79 31.64 21.79
CA PRO A 129 2.40 32.97 21.92
C PRO A 129 3.12 33.44 20.66
N ALA A 130 3.22 34.76 20.50
CA ALA A 130 3.89 35.34 19.32
C ALA A 130 5.36 34.92 19.28
N GLY A 131 5.84 34.58 18.09
CA GLY A 131 7.23 34.16 17.94
C GLY A 131 7.50 32.74 18.41
N THR A 132 6.47 32.07 18.94
CA THR A 132 6.64 30.71 19.40
C THR A 132 6.12 29.69 18.39
N PHE A 133 6.57 28.45 18.55
CA PHE A 133 6.18 27.35 17.68
C PHE A 133 5.37 26.33 18.47
N PRO A 134 4.83 25.32 17.78
CA PRO A 134 4.04 24.28 18.45
C PRO A 134 4.86 23.66 19.58
N THR A 135 4.19 23.03 20.52
CA THR A 135 4.90 22.40 21.63
C THR A 135 4.18 21.14 22.07
N SER A 136 4.88 20.26 22.76
CA SER A 136 4.31 19.02 23.26
C SER A 136 3.04 19.30 24.08
N ALA A 137 2.98 20.49 24.68
CA ALA A 137 1.84 20.87 25.49
C ALA A 137 0.61 21.23 24.64
N THR A 138 0.80 21.97 23.54
CA THR A 138 -0.31 22.40 22.70
C THR A 138 -0.97 21.30 21.84
N THR A 139 -2.30 21.39 21.78
CA THR A 139 -3.13 20.44 21.05
C THR A 139 -3.97 21.15 19.98
N PHE A 140 -4.25 20.44 18.88
CA PHE A 140 -5.04 20.95 17.76
C PHE A 140 -6.52 20.61 17.80
N ASN A 141 -7.34 21.55 17.34
CA ASN A 141 -8.79 21.36 17.34
C ASN A 141 -9.38 21.12 15.94
N PRO A 142 -10.23 20.08 15.82
CA PRO A 142 -10.88 19.74 14.56
C PRO A 142 -11.87 20.83 14.15
N VAL A 143 -12.16 20.90 12.87
CA VAL A 143 -13.12 21.89 12.36
C VAL A 143 -13.67 21.33 11.06
N ASN A 144 -14.41 20.24 11.20
CA ASN A 144 -15.02 19.52 10.08
C ASN A 144 -15.80 20.33 9.02
N TYR A 145 -16.00 19.69 7.86
CA TYR A 145 -16.75 20.27 6.74
C TYR A 145 -18.24 20.16 7.02
N PRO A 146 -19.04 21.13 6.54
CA PRO A 146 -20.48 21.08 6.80
C PRO A 146 -21.14 19.77 6.35
N GLY A 147 -21.91 19.15 7.24
CA GLY A 147 -22.57 17.89 6.90
C GLY A 147 -21.72 16.66 7.13
N PHE A 148 -20.67 16.82 7.94
CA PHE A 148 -19.76 15.72 8.28
C PHE A 148 -20.51 14.52 8.87
N THR A 149 -21.22 14.79 9.95
CA THR A 149 -21.99 13.78 10.67
C THR A 149 -22.87 12.87 9.80
N SER A 150 -23.36 13.40 8.68
CA SER A 150 -24.21 12.64 7.77
C SER A 150 -23.53 11.47 7.05
N MET A 151 -22.24 11.60 6.78
CA MET A 151 -21.50 10.55 6.08
C MET A 151 -20.65 9.59 6.93
N PHE A 152 -20.35 9.95 8.17
CA PHE A 152 -19.54 9.09 9.02
C PHE A 152 -20.25 8.71 10.29
N GLY A 153 -21.46 9.21 10.42
CA GLY A 153 -22.24 8.88 11.59
C GLY A 153 -21.68 9.47 12.88
N THR A 154 -22.33 9.08 13.96
CA THR A 154 -21.99 9.53 15.31
C THR A 154 -20.91 8.72 16.03
N THR A 155 -20.85 7.42 15.80
CA THR A 155 -19.85 6.61 16.48
C THR A 155 -18.57 6.44 15.67
N SER A 156 -17.44 6.44 16.37
CA SER A 156 -16.11 6.31 15.75
C SER A 156 -15.95 4.98 15.05
N THR A 157 -16.75 4.01 15.47
CA THR A 157 -16.71 2.68 14.89
C THR A 157 -17.53 2.58 13.61
N SER A 158 -18.58 3.38 13.49
CA SER A 158 -19.43 3.32 12.30
C SER A 158 -19.08 4.36 11.22
N ARG A 159 -17.80 4.72 11.15
CA ARG A 159 -17.31 5.67 10.16
C ARG A 159 -17.35 5.04 8.76
N SER A 160 -17.05 3.76 8.73
CA SER A 160 -16.99 2.89 7.55
C SER A 160 -18.19 2.61 6.65
N ASN A 161 -19.37 2.51 7.21
CA ASN A 161 -20.55 2.20 6.40
C ASN A 161 -20.93 3.07 5.21
N GLN A 162 -20.85 4.39 5.28
CA GLN A 162 -21.24 5.13 4.10
C GLN A 162 -20.38 4.83 2.90
N VAL A 163 -19.11 4.60 3.10
CA VAL A 163 -18.21 4.29 1.99
C VAL A 163 -16.92 3.59 2.42
N SER A 164 -16.40 2.71 1.58
CA SER A 164 -15.17 2.02 1.93
C SER A 164 -13.88 2.82 1.86
N SER A 165 -13.63 3.43 0.70
CA SER A 165 -12.40 4.20 0.53
C SER A 165 -12.55 5.48 -0.29
N PHE A 166 -11.69 6.45 0.02
CA PHE A 166 -11.70 7.74 -0.64
C PHE A 166 -10.36 8.12 -1.24
N ARG A 167 -10.35 8.60 -2.47
CA ARG A 167 -9.09 9.01 -3.09
C ARG A 167 -9.21 10.51 -3.36
N TYR A 168 -8.21 11.27 -2.92
CA TYR A 168 -8.20 12.73 -3.10
C TYR A 168 -7.97 13.24 -4.51
N ALA A 169 -8.56 14.40 -4.81
CA ALA A 169 -8.42 15.01 -6.12
C ALA A 169 -7.55 16.26 -6.06
N SER A 170 -7.88 17.14 -5.13
CA SER A 170 -7.16 18.38 -4.93
C SER A 170 -7.52 18.91 -3.55
N MET A 171 -6.71 19.82 -3.05
CA MET A 171 -6.97 20.37 -1.74
C MET A 171 -6.59 21.84 -1.82
N ASN A 172 -7.60 22.71 -1.78
CA ASN A 172 -7.35 24.14 -1.88
C ASN A 172 -7.89 24.93 -0.69
N VAL A 173 -7.27 26.08 -0.46
CA VAL A 173 -7.64 26.96 0.65
C VAL A 173 -7.51 28.44 0.30
N GLY A 174 -8.37 29.27 0.89
CA GLY A 174 -8.33 30.70 0.61
C GLY A 174 -8.54 31.60 1.81
N ILE A 175 -7.92 32.77 1.77
CA ILE A 175 -8.04 33.73 2.85
C ILE A 175 -8.30 35.10 2.32
N TYR A 176 -9.30 35.73 2.89
CA TYR A 176 -9.67 37.07 2.48
C TYR A 176 -9.79 37.89 3.77
N PRO A 177 -9.13 39.06 3.82
CA PRO A 177 -9.19 39.92 5.01
C PRO A 177 -10.35 40.95 5.06
N THR A 178 -11.09 40.97 6.17
CA THR A 178 -12.21 41.90 6.36
C THR A 178 -11.82 43.08 7.26
N SER A 179 -10.52 43.16 7.58
CA SER A 179 -9.95 44.21 8.45
C SER A 179 -9.76 45.54 7.73
N ASN A 180 -10.12 46.64 8.41
CA ASN A 180 -9.94 47.96 7.81
C ASN A 180 -8.41 48.15 7.74
N LEU A 181 -7.96 49.27 7.17
CA LEU A 181 -6.53 49.50 6.99
C LEU A 181 -5.64 49.78 8.17
N MET A 182 -6.11 50.61 9.10
CA MET A 182 -5.28 50.91 10.25
C MET A 182 -5.53 50.06 11.50
N GLN A 183 -6.51 49.16 11.48
CA GLN A 183 -6.80 48.30 12.63
C GLN A 183 -6.02 46.98 12.55
N PHE A 184 -5.67 46.58 11.33
CA PHE A 184 -4.94 45.34 11.10
C PHE A 184 -3.45 45.37 11.25
N ALA A 185 -2.90 44.20 11.50
CA ALA A 185 -1.47 44.03 11.68
C ALA A 185 -1.04 42.59 11.48
N GLY A 186 0.25 42.37 11.35
CA GLY A 186 0.81 41.04 11.18
C GLY A 186 1.03 40.49 9.79
N SER A 187 1.54 39.28 9.73
CA SER A 187 1.83 38.64 8.47
C SER A 187 1.44 37.19 8.36
N ILE A 188 1.25 36.73 7.13
CA ILE A 188 0.87 35.36 6.86
C ILE A 188 2.08 34.65 6.29
N THR A 189 2.23 33.36 6.60
CA THR A 189 3.37 32.58 6.09
C THR A 189 2.95 31.14 5.83
N VAL A 190 3.32 30.60 4.67
CA VAL A 190 2.93 29.24 4.30
C VAL A 190 3.98 28.37 3.62
N TRP A 191 3.94 27.08 3.96
CA TRP A 191 4.84 26.07 3.42
C TRP A 191 4.09 24.74 3.50
N LYS A 192 4.39 23.82 2.60
CA LYS A 192 3.71 22.52 2.59
C LYS A 192 4.54 21.45 3.31
N CYS A 193 3.87 20.45 3.86
CA CYS A 193 4.55 19.38 4.58
C CYS A 193 4.25 17.98 4.07
N PRO A 194 5.30 17.18 3.89
CA PRO A 194 5.22 15.80 3.42
C PRO A 194 4.79 14.87 4.56
N VAL A 195 3.65 15.17 5.18
CA VAL A 195 3.19 14.33 6.28
C VAL A 195 2.45 13.09 5.80
N LYS A 196 2.97 11.95 6.25
CA LYS A 196 2.43 10.63 5.92
C LYS A 196 2.00 9.93 7.21
N LEU A 197 1.04 9.03 7.11
CA LEU A 197 0.60 8.29 8.27
C LEU A 197 1.44 7.03 8.45
N SER A 198 2.16 6.96 9.57
CA SER A 198 3.01 5.80 9.84
C SER A 198 2.48 5.06 11.06
N THR A 199 3.29 4.13 11.56
CA THR A 199 2.93 3.37 12.74
C THR A 199 4.20 3.13 13.55
N VAL A 200 4.06 3.25 14.86
CA VAL A 200 5.20 3.07 15.75
C VAL A 200 5.00 1.83 16.60
N GLN A 201 6.07 1.07 16.80
CA GLN A 201 6.04 -0.15 17.59
C GLN A 201 6.88 -0.02 18.86
N PHE A 202 6.29 -0.38 20.00
CA PHE A 202 7.01 -0.32 21.27
C PHE A 202 6.47 -1.32 22.28
N PRO A 203 7.29 -1.71 23.24
CA PRO A 203 6.86 -2.67 24.25
C PRO A 203 6.56 -2.04 25.59
N VAL A 204 5.39 -2.36 26.13
CA VAL A 204 4.99 -1.84 27.42
C VAL A 204 4.90 -3.06 28.30
N ALA A 205 5.58 -3.03 29.44
CA ALA A 205 5.53 -4.18 30.32
C ALA A 205 4.15 -4.38 30.92
N THR A 206 3.70 -5.62 30.92
CA THR A 206 2.41 -5.98 31.45
C THR A 206 2.47 -7.47 31.60
N ASP A 207 1.66 -8.06 32.47
CA ASP A 207 1.74 -9.50 32.57
C ASP A 207 0.46 -10.11 32.01
N PRO A 208 0.60 -10.85 30.91
CA PRO A 208 1.89 -11.07 30.26
C PRO A 208 2.34 -9.81 29.56
N ALA A 209 3.64 -9.63 29.37
CA ALA A 209 4.16 -8.45 28.70
C ALA A 209 3.87 -8.45 27.22
N THR A 210 3.83 -7.29 26.58
CA THR A 210 3.56 -7.26 25.13
C THR A 210 4.09 -6.00 24.40
N SER A 211 4.03 -6.03 23.07
CA SER A 211 4.47 -4.92 22.21
C SER A 211 3.33 -4.38 21.35
N SER A 212 2.39 -3.65 21.94
CA SER A 212 1.29 -3.11 21.16
C SER A 212 1.85 -1.96 20.35
N LEU A 213 1.39 -1.83 19.11
CA LEU A 213 1.85 -0.76 18.24
C LEU A 213 0.66 -0.04 17.59
N VAL A 214 0.73 1.30 17.56
CA VAL A 214 -0.33 2.11 16.97
C VAL A 214 0.18 3.18 16.03
N HIS A 215 -0.76 3.82 15.36
CA HIS A 215 -0.46 4.86 14.40
C HIS A 215 0.18 6.08 15.00
N THR A 216 1.07 6.67 14.22
CA THR A 216 1.80 7.86 14.61
C THR A 216 2.10 8.61 13.33
N LEU A 217 1.88 9.91 13.32
CA LEU A 217 2.18 10.67 12.12
C LEU A 217 3.63 11.13 12.09
N VAL A 218 4.24 11.03 10.92
CA VAL A 218 5.63 11.42 10.74
C VAL A 218 5.70 12.67 9.87
N GLY A 219 6.76 13.45 10.05
CA GLY A 219 6.93 14.66 9.26
C GLY A 219 6.34 15.86 9.96
N LEU A 220 6.03 15.69 11.23
CA LEU A 220 5.46 16.76 12.03
C LEU A 220 6.59 17.62 12.57
N ASN A 221 7.81 17.10 12.50
CA ASN A 221 8.99 17.82 12.96
C ASN A 221 9.29 18.98 11.99
N GLY A 222 8.94 18.79 10.72
CA GLY A 222 9.15 19.82 9.72
C GLY A 222 8.07 20.88 9.82
N VAL A 223 7.25 20.74 10.86
CA VAL A 223 6.13 21.62 11.15
C VAL A 223 6.43 22.78 12.11
N LEU A 224 7.51 22.68 12.85
CA LEU A 224 7.85 23.73 13.80
C LEU A 224 8.60 24.88 13.12
N ALA A 225 9.68 24.56 12.40
CA ALA A 225 10.48 25.58 11.71
C ALA A 225 9.84 26.03 10.40
N VAL A 226 10.03 27.30 10.05
CA VAL A 226 9.46 27.86 8.82
C VAL A 226 10.14 27.33 7.54
N GLY A 227 9.39 26.54 6.78
CA GLY A 227 9.89 25.95 5.54
C GLY A 227 10.74 26.85 4.66
N PRO A 228 11.77 26.29 4.02
CA PRO A 228 12.66 27.08 3.14
C PRO A 228 11.90 27.68 1.95
N ASP A 229 10.98 26.90 1.37
CA ASP A 229 10.15 27.33 0.24
C ASP A 229 8.76 27.67 0.76
N ASN A 230 8.52 28.97 0.85
CA ASN A 230 7.26 29.49 1.35
C ASN A 230 6.90 30.84 0.76
N PHE A 231 5.72 31.31 1.16
CA PHE A 231 5.18 32.59 0.73
C PHE A 231 4.85 33.37 1.99
N SER A 232 5.40 34.57 2.13
CA SER A 232 5.12 35.41 3.30
C SER A 232 4.66 36.78 2.82
N GLU A 233 3.58 37.30 3.42
CA GLU A 233 3.02 38.60 3.02
C GLU A 233 2.24 39.33 4.11
N SER A 234 2.10 40.64 3.93
CA SER A 234 1.35 41.46 4.88
C SER A 234 -0.01 40.80 5.03
N PHE A 235 -0.39 40.54 6.28
CA PHE A 235 -1.66 39.91 6.58
C PHE A 235 -2.78 40.34 5.64
N ILE A 236 -2.89 41.65 5.41
CA ILE A 236 -3.94 42.20 4.56
C ILE A 236 -4.01 41.72 3.12
N LYS A 237 -2.87 41.43 2.50
CA LYS A 237 -2.88 40.97 1.12
C LYS A 237 -3.46 39.57 0.93
N GLY A 238 -3.95 38.99 2.02
CA GLY A 238 -4.56 37.66 1.98
C GLY A 238 -3.65 36.65 1.30
N VAL A 239 -4.22 35.50 0.92
CA VAL A 239 -3.44 34.47 0.25
C VAL A 239 -4.26 33.27 -0.23
N PHE A 240 -3.79 32.63 -1.29
CA PHE A 240 -4.46 31.47 -1.89
C PHE A 240 -3.42 30.38 -2.17
N SER A 241 -3.80 29.12 -1.97
CA SER A 241 -2.89 28.00 -2.20
C SER A 241 -3.58 26.66 -2.50
N GLN A 242 -2.84 25.79 -3.18
CA GLN A 242 -3.32 24.46 -3.57
C GLN A 242 -2.30 23.36 -3.24
N SER A 243 -2.77 22.13 -3.13
CA SER A 243 -1.89 20.99 -2.84
C SER A 243 -2.00 19.92 -3.92
N ALA A 244 -0.87 19.27 -4.19
CA ALA A 244 -0.80 18.23 -5.21
C ALA A 244 -0.65 16.83 -4.62
N CYS A 245 -0.82 15.84 -5.49
CA CYS A 245 -0.72 14.43 -5.10
C CYS A 245 0.68 14.11 -4.58
N ASN A 246 0.73 13.37 -3.48
CA ASN A 246 1.96 12.98 -2.84
C ASN A 246 2.66 11.83 -3.58
N GLU A 247 1.89 10.92 -4.17
CA GLU A 247 2.43 9.75 -4.89
C GLU A 247 2.08 9.80 -6.39
N PRO A 248 2.81 9.02 -7.25
CA PRO A 248 2.54 8.99 -8.70
C PRO A 248 1.24 8.20 -9.01
N ASN A 249 0.91 7.27 -8.11
CA ASN A 249 -0.29 6.44 -8.20
C ASN A 249 -1.45 7.09 -7.44
N PHE A 250 -2.66 6.95 -7.96
CA PHE A 250 -3.83 7.52 -7.29
C PHE A 250 -4.60 6.42 -6.58
N GLN A 251 -3.85 5.54 -5.92
CA GLN A 251 -4.43 4.42 -5.19
C GLN A 251 -5.48 4.92 -4.20
N PHE A 252 -6.41 4.03 -3.88
CA PHE A 252 -7.45 4.35 -2.93
C PHE A 252 -6.97 4.09 -1.52
N ASN A 253 -7.04 5.12 -0.70
CA ASN A 253 -6.64 5.00 0.69
C ASN A 253 -7.87 4.50 1.44
N ASP A 254 -7.71 3.41 2.17
CA ASP A 254 -8.83 2.82 2.92
C ASP A 254 -9.29 3.76 4.03
N ILE A 255 -10.57 3.66 4.39
CA ILE A 255 -11.11 4.47 5.48
C ILE A 255 -10.87 3.70 6.77
N LEU A 256 -10.48 4.40 7.83
CA LEU A 256 -10.20 3.76 9.12
C LEU A 256 -11.25 4.08 10.17
N GLN A 257 -11.22 3.35 11.28
CA GLN A 257 -12.21 3.62 12.31
C GLN A 257 -11.61 3.62 13.68
N GLY A 258 -12.37 4.16 14.63
CA GLY A 258 -11.93 4.20 16.01
C GLY A 258 -10.90 5.25 16.36
N ILE A 259 -10.32 5.93 15.38
CA ILE A 259 -9.32 6.95 15.71
C ILE A 259 -9.98 8.27 15.99
N GLN A 260 -9.91 8.69 17.24
CA GLN A 260 -10.48 9.95 17.64
C GLN A 260 -9.33 10.89 17.96
N THR A 261 -8.43 10.46 18.84
CA THR A 261 -7.28 11.28 19.22
C THR A 261 -5.98 10.69 18.66
N LEU A 262 -4.94 11.51 18.61
CA LEU A 262 -3.63 11.11 18.12
C LEU A 262 -2.56 11.99 18.73
N PRO A 263 -1.66 11.46 19.55
CA PRO A 263 -1.59 10.06 20.00
C PRO A 263 -2.87 9.53 20.65
N PRO A 264 -3.21 8.30 20.31
CA PRO A 264 -4.42 7.67 20.86
C PRO A 264 -4.28 7.59 22.37
N ALA A 265 -5.41 7.48 23.06
CA ALA A 265 -5.43 7.45 24.51
C ALA A 265 -4.69 6.26 25.11
N ASN A 266 -4.07 6.51 26.26
CA ASN A 266 -3.29 5.51 26.96
C ASN A 266 -1.86 5.47 26.47
N VAL A 267 -1.51 6.40 25.58
CA VAL A 267 -0.15 6.45 25.05
C VAL A 267 0.54 7.79 25.29
N SER A 268 1.77 7.75 25.79
CA SER A 268 2.53 8.96 26.08
C SER A 268 2.88 9.65 24.78
N LEU A 269 2.89 10.98 24.76
CA LEU A 269 3.20 11.69 23.51
C LEU A 269 4.71 11.55 23.31
N GLY A 270 5.38 11.08 24.35
CA GLY A 270 6.82 10.89 24.28
C GLY A 270 7.15 9.57 23.61
N SER A 271 6.38 8.54 23.92
CA SER A 271 6.57 7.21 23.34
C SER A 271 6.10 7.10 21.87
N THR A 272 5.43 8.15 21.38
CA THR A 272 4.94 8.20 19.99
C THR A 272 5.86 9.00 19.05
N GLY A 273 6.70 9.86 19.63
CA GLY A 273 7.63 10.64 18.84
C GLY A 273 7.01 11.89 18.23
N GLN A 274 5.68 11.93 18.18
CA GLN A 274 4.98 13.08 17.62
C GLN A 274 5.25 14.31 18.47
N PRO A 275 5.54 15.45 17.81
CA PRO A 275 5.82 16.74 18.45
C PRO A 275 4.71 17.26 19.37
N PHE A 276 3.45 17.11 18.94
CA PHE A 276 2.30 17.57 19.72
C PHE A 276 1.10 16.64 19.58
N THR A 277 0.00 17.02 20.23
CA THR A 277 -1.22 16.22 20.24
C THR A 277 -2.31 16.65 19.26
N MET A 278 -3.18 15.69 18.94
CA MET A 278 -4.32 15.89 18.05
C MET A 278 -5.66 15.65 18.72
N ASP A 279 -6.49 16.68 18.80
CA ASP A 279 -7.77 16.46 19.44
C ASP A 279 -8.79 15.94 18.46
N SER A 280 -9.16 14.69 18.66
CA SER A 280 -10.13 14.03 17.83
C SER A 280 -11.41 14.82 18.03
N GLY A 281 -11.63 15.24 19.27
CA GLY A 281 -12.81 16.00 19.62
C GLY A 281 -13.87 14.98 19.94
N ALA A 282 -15.11 15.40 20.12
CA ALA A 282 -16.12 14.41 20.45
C ALA A 282 -16.18 13.46 19.27
N GLU A 283 -16.30 12.18 19.57
CA GLU A 283 -16.35 11.17 18.54
C GLU A 283 -17.56 11.38 17.66
N ALA A 284 -18.66 11.75 18.28
CA ALA A 284 -19.89 11.96 17.51
C ALA A 284 -19.95 13.26 16.71
N THR A 285 -19.18 14.25 17.14
CA THR A 285 -19.13 15.52 16.43
C THR A 285 -18.15 15.41 15.28
N SER A 286 -16.97 14.84 15.53
CA SER A 286 -15.96 14.70 14.48
C SER A 286 -14.95 13.58 14.71
N GLY A 287 -14.33 13.11 13.64
CA GLY A 287 -13.35 12.04 13.74
C GLY A 287 -12.42 11.97 12.54
N VAL A 288 -11.31 11.26 12.65
CA VAL A 288 -10.45 11.20 11.49
C VAL A 288 -10.55 9.79 10.95
N VAL A 289 -11.06 9.66 9.73
CA VAL A 289 -11.23 8.38 9.07
C VAL A 289 -10.04 7.93 8.24
N GLY A 290 -9.56 8.78 7.34
CA GLY A 290 -8.43 8.37 6.52
C GLY A 290 -7.42 9.47 6.32
N TRP A 291 -6.22 9.07 5.90
CA TRP A 291 -5.15 10.02 5.66
C TRP A 291 -4.81 10.01 4.18
N GLY A 292 -5.08 11.13 3.50
CA GLY A 292 -4.81 11.22 2.08
C GLY A 292 -3.35 11.38 1.68
N ASN A 293 -2.98 10.81 0.54
CA ASN A 293 -1.60 10.92 0.07
C ASN A 293 -1.41 12.27 -0.57
N MET A 294 -1.57 13.31 0.24
CA MET A 294 -1.43 14.68 -0.21
C MET A 294 -0.44 15.38 0.69
N ASP A 295 0.28 16.34 0.14
CA ASP A 295 1.20 17.10 0.95
C ASP A 295 0.30 17.97 1.81
N THR A 296 0.57 18.00 3.11
CA THR A 296 -0.22 18.79 4.03
C THR A 296 0.25 20.23 4.02
N ILE A 297 -0.69 21.17 3.96
CA ILE A 297 -0.32 22.59 3.93
C ILE A 297 -0.21 23.16 5.34
N VAL A 298 0.68 24.13 5.51
CA VAL A 298 0.93 24.76 6.81
C VAL A 298 0.88 26.28 6.74
N ILE A 299 -0.11 26.90 7.41
CA ILE A 299 -0.24 28.36 7.42
C ILE A 299 -0.26 28.90 8.84
N ARG A 300 0.50 29.96 9.07
CA ARG A 300 0.51 30.56 10.40
C ARG A 300 0.29 32.05 10.21
N VAL A 301 -0.41 32.67 11.16
CA VAL A 301 -0.67 34.11 11.09
C VAL A 301 -0.22 34.79 12.37
N SER A 302 0.79 35.64 12.24
CA SER A 302 1.36 36.38 13.36
C SER A 302 0.50 37.60 13.68
N ALA A 303 -0.08 37.61 14.87
CA ALA A 303 -0.91 38.73 15.30
C ALA A 303 -0.12 39.55 16.32
N PRO A 304 0.52 40.64 15.89
CA PRO A 304 1.28 41.44 16.83
C PRO A 304 0.34 41.99 17.89
N GLU A 305 0.90 42.43 19.01
CA GLU A 305 0.08 42.95 20.09
C GLU A 305 -0.71 44.20 19.72
N GLY A 306 -1.98 44.23 20.14
CA GLY A 306 -2.83 45.38 19.88
C GLY A 306 -3.36 45.53 18.46
N ALA A 307 -3.54 44.42 17.77
CA ALA A 307 -4.05 44.46 16.40
C ALA A 307 -5.21 43.50 16.26
N VAL A 308 -6.24 43.95 15.54
CA VAL A 308 -7.42 43.11 15.29
C VAL A 308 -7.43 42.70 13.83
N ASN A 309 -7.45 41.40 13.62
CA ASN A 309 -7.45 40.83 12.28
C ASN A 309 -8.63 39.93 12.04
N SER A 310 -9.57 40.41 11.23
CA SER A 310 -10.76 39.63 10.93
C SER A 310 -10.86 39.31 9.45
N ALA A 311 -10.82 38.03 9.12
CA ALA A 311 -10.93 37.64 7.72
C ALA A 311 -11.67 36.33 7.55
N ILE A 312 -12.30 36.16 6.38
CA ILE A 312 -13.06 34.96 6.05
C ILE A 312 -12.16 33.82 5.59
N LEU A 313 -12.67 32.59 5.56
CA LEU A 313 -11.84 31.49 5.12
C LEU A 313 -12.59 30.45 4.28
N LYS A 314 -12.09 30.21 3.06
CA LYS A 314 -12.68 29.23 2.15
C LYS A 314 -11.75 28.02 2.04
N ALA A 315 -12.35 26.83 1.99
CA ALA A 315 -11.57 25.63 1.88
C ALA A 315 -12.39 24.62 1.12
N TRP A 316 -11.83 24.11 0.02
CA TRP A 316 -12.52 23.12 -0.77
C TRP A 316 -11.57 22.04 -1.21
N SER A 317 -12.14 20.98 -1.77
CA SER A 317 -11.36 19.86 -2.23
C SER A 317 -12.30 18.87 -2.89
N CYS A 318 -11.87 18.35 -4.03
CA CYS A 318 -12.64 17.37 -4.80
C CYS A 318 -12.14 16.00 -4.38
N ILE A 319 -13.04 15.06 -4.12
CA ILE A 319 -12.63 13.70 -3.72
C ILE A 319 -13.51 12.65 -4.37
N GLU A 320 -12.99 11.43 -4.47
CA GLU A 320 -13.72 10.30 -5.02
C GLU A 320 -13.77 9.22 -3.94
N TYR A 321 -14.94 8.63 -3.75
CA TYR A 321 -15.13 7.57 -2.75
C TYR A 321 -15.84 6.38 -3.37
N ARG A 322 -15.53 5.19 -2.85
CA ARG A 322 -16.15 3.98 -3.33
C ARG A 322 -17.44 3.86 -2.49
N PRO A 323 -18.56 4.16 -3.13
CA PRO A 323 -19.86 4.11 -2.46
C PRO A 323 -20.30 2.73 -1.99
N ASN A 324 -20.84 2.70 -0.78
CA ASN A 324 -21.32 1.47 -0.20
C ASN A 324 -22.53 1.05 -0.99
N PRO A 325 -22.76 -0.25 -1.13
CA PRO A 325 -23.94 -0.67 -1.89
C PRO A 325 -25.18 -0.15 -1.17
N ASN A 326 -25.17 -0.27 0.16
CA ASN A 326 -26.28 0.20 1.00
C ASN A 326 -26.53 1.71 1.02
N ALA A 327 -25.44 2.48 1.08
CA ALA A 327 -25.52 3.93 1.11
C ALA A 327 -26.47 4.62 0.12
N MET A 328 -27.02 5.77 0.54
CA MET A 328 -27.95 6.59 -0.26
C MET A 328 -27.17 7.21 -1.42
N LEU A 329 -26.00 7.73 -1.06
CA LEU A 329 -25.06 8.37 -1.98
C LEU A 329 -24.72 7.49 -3.18
N TYR A 330 -24.80 6.18 -2.99
CA TYR A 330 -24.48 5.20 -4.03
C TYR A 330 -25.21 5.45 -5.34
N GLN A 331 -26.40 6.03 -5.28
CA GLN A 331 -27.20 6.27 -6.47
C GLN A 331 -26.80 7.40 -7.40
N PHE A 332 -25.85 8.25 -6.99
CA PHE A 332 -25.39 9.36 -7.82
C PHE A 332 -24.16 8.94 -8.60
N GLY A 333 -23.39 8.07 -7.95
CA GLY A 333 -22.16 7.57 -8.53
C GLY A 333 -22.19 7.15 -9.98
N HIS A 334 -21.12 7.53 -10.67
CA HIS A 334 -20.90 7.21 -12.08
C HIS A 334 -19.52 6.57 -12.08
N ASP A 335 -19.03 6.14 -13.24
CA ASP A 335 -17.73 5.48 -13.30
C ASP A 335 -16.53 6.41 -13.44
N SER A 336 -15.39 6.00 -12.85
CA SER A 336 -14.16 6.78 -12.91
C SER A 336 -13.86 6.95 -14.40
N PRO A 337 -13.92 8.19 -14.89
CA PRO A 337 -13.65 8.41 -16.32
C PRO A 337 -12.42 7.65 -16.82
N PRO A 338 -12.46 7.27 -18.11
CA PRO A 338 -11.40 6.54 -18.78
C PRO A 338 -10.06 7.27 -18.70
N LEU A 339 -8.97 6.50 -18.63
CA LEU A 339 -7.63 7.06 -18.52
C LEU A 339 -7.21 7.92 -19.72
N ASP A 340 -6.98 9.20 -19.44
CA ASP A 340 -6.56 10.18 -20.44
C ASP A 340 -5.13 10.62 -20.13
N GLU A 341 -4.21 10.43 -21.08
CA GLU A 341 -2.80 10.78 -20.89
C GLU A 341 -2.47 12.27 -20.94
N VAL A 342 -3.29 13.02 -21.68
CA VAL A 342 -3.09 14.45 -21.82
C VAL A 342 -3.28 15.14 -20.48
N ALA A 343 -4.43 14.89 -19.84
CA ALA A 343 -4.75 15.50 -18.55
C ALA A 343 -3.90 14.97 -17.39
N LEU A 344 -3.52 13.69 -17.43
CA LEU A 344 -2.71 13.09 -16.37
C LEU A 344 -1.30 13.70 -16.33
N GLN A 345 -0.83 14.15 -17.49
CA GLN A 345 0.49 14.74 -17.57
C GLN A 345 0.40 16.24 -17.31
N GLU A 346 -0.78 16.82 -17.56
CA GLU A 346 -1.02 18.24 -17.34
C GLU A 346 -1.11 18.50 -15.84
N TYR A 347 -1.84 17.63 -15.15
CA TYR A 347 -2.01 17.72 -13.71
C TYR A 347 -0.65 17.80 -13.03
N ARG A 348 0.31 17.02 -13.52
CA ARG A 348 1.66 17.01 -12.96
C ARG A 348 2.53 18.21 -13.38
N THR A 349 2.38 18.67 -14.62
CA THR A 349 3.15 19.80 -15.12
C THR A 349 2.72 21.10 -14.43
N VAL A 350 1.47 21.12 -13.97
CA VAL A 350 0.92 22.27 -13.28
C VAL A 350 1.39 22.31 -11.84
N ALA A 351 1.55 21.13 -11.24
CA ALA A 351 1.99 21.01 -9.86
C ALA A 351 3.36 21.65 -9.64
N ARG A 352 4.29 21.40 -10.54
CA ARG A 352 5.64 21.94 -10.43
C ARG A 352 5.73 23.41 -10.84
N SER A 353 4.82 23.85 -11.71
CA SER A 353 4.80 25.24 -12.19
C SER A 353 4.17 26.24 -11.21
N LEU A 354 3.21 25.78 -10.42
CA LEU A 354 2.52 26.63 -9.46
C LEU A 354 3.33 27.04 -8.23
N PRO A 355 3.33 28.34 -7.90
CA PRO A 355 4.07 28.83 -6.75
C PRO A 355 3.43 28.32 -5.44
N VAL A 356 4.26 28.24 -4.38
CA VAL A 356 3.80 27.77 -3.06
C VAL A 356 2.48 28.45 -2.71
N ALA A 357 2.45 29.78 -2.81
CA ALA A 357 1.23 30.53 -2.50
C ALA A 357 1.13 31.78 -3.37
N VAL A 358 -0.07 32.33 -3.44
CA VAL A 358 -0.29 33.50 -4.26
C VAL A 358 -1.10 34.55 -3.51
N ILE A 359 -0.94 35.81 -3.88
CA ILE A 359 -1.68 36.92 -3.27
C ILE A 359 -3.18 36.62 -3.32
N ALA A 360 -3.96 37.22 -2.43
CA ALA A 360 -5.41 37.01 -2.39
C ALA A 360 -6.04 37.42 -3.73
N ALA A 361 -5.75 38.65 -4.16
CA ALA A 361 -6.28 39.21 -5.42
C ALA A 361 -5.90 38.38 -6.65
N THR B 57 15.86 5.08 -28.99
CA THR B 57 15.56 6.49 -29.20
C THR B 57 16.41 7.39 -28.31
N ARG B 58 15.88 8.57 -28.01
CA ARG B 58 16.58 9.53 -27.18
C ARG B 58 15.82 9.82 -25.88
N LEU B 59 16.54 9.75 -24.76
CA LEU B 59 15.94 10.01 -23.46
C LEU B 59 16.60 11.22 -22.82
N SER B 60 16.09 11.67 -21.68
CA SER B 60 16.67 12.84 -21.01
C SER B 60 17.85 12.46 -20.10
N GLN B 61 18.65 13.44 -19.70
CA GLN B 61 19.82 13.21 -18.84
C GLN B 61 19.50 12.83 -17.39
N PRO B 62 18.33 13.25 -16.86
CA PRO B 62 18.03 12.88 -15.47
C PRO B 62 17.60 11.40 -15.41
N GLY B 63 16.94 10.96 -16.49
CA GLY B 63 16.48 9.58 -16.60
C GLY B 63 17.61 8.67 -17.04
N LEU B 64 18.75 9.26 -17.37
CA LEU B 64 19.92 8.49 -17.79
C LEU B 64 20.87 8.35 -16.59
N ALA B 65 21.03 9.43 -15.82
CA ALA B 65 21.89 9.43 -14.64
C ALA B 65 21.33 8.42 -13.65
N PHE B 66 20.00 8.29 -13.66
CA PHE B 66 19.30 7.34 -12.80
C PHE B 66 19.59 5.91 -13.27
N LEU B 67 19.60 5.71 -14.58
CA LEU B 67 19.89 4.39 -15.15
C LEU B 67 21.32 4.01 -14.83
N LYS B 68 22.23 4.99 -14.90
CA LYS B 68 23.63 4.74 -14.63
C LYS B 68 24.03 4.37 -13.19
N CYS B 69 23.52 5.09 -12.18
CA CYS B 69 23.88 4.72 -10.80
C CYS B 69 23.31 3.34 -10.47
N ALA B 70 22.15 3.07 -11.05
CA ALA B 70 21.45 1.81 -10.83
C ALA B 70 22.12 0.60 -11.51
N PHE B 71 22.69 0.82 -12.69
CA PHE B 71 23.32 -0.28 -13.44
C PHE B 71 24.82 -0.13 -13.75
N ALA B 72 25.44 0.99 -13.39
CA ALA B 72 26.86 1.17 -13.67
C ALA B 72 27.64 1.11 -12.35
N PRO B 73 28.77 0.39 -12.33
CA PRO B 73 29.54 0.31 -11.08
C PRO B 73 29.74 1.73 -10.49
N PRO B 74 30.16 1.84 -9.22
CA PRO B 74 30.37 3.16 -8.63
C PRO B 74 31.73 3.74 -9.03
N ASP B 75 32.40 3.02 -9.94
CA ASP B 75 33.72 3.40 -10.48
C ASP B 75 33.48 4.42 -11.60
N PHE B 76 32.57 4.07 -12.51
CA PHE B 76 32.21 4.92 -13.66
C PHE B 76 31.28 6.10 -13.28
N ASN B 77 30.17 5.80 -12.61
CA ASN B 77 29.18 6.80 -12.20
C ASN B 77 29.46 7.49 -10.86
N THR B 78 29.67 8.80 -10.93
CA THR B 78 29.95 9.60 -9.74
C THR B 78 28.71 10.34 -9.19
N ASP B 79 27.74 10.67 -10.06
CA ASP B 79 26.53 11.35 -9.63
C ASP B 79 25.32 10.41 -9.51
N PRO B 80 24.58 10.52 -8.39
CA PRO B 80 23.39 9.69 -8.10
C PRO B 80 22.21 9.84 -9.09
N GLY B 81 22.16 10.97 -9.79
CA GLY B 81 21.08 11.22 -10.73
C GLY B 81 20.04 12.07 -10.01
N LYS B 82 19.66 13.19 -10.62
CA LYS B 82 18.68 14.12 -10.03
C LYS B 82 17.44 13.44 -9.46
N GLY B 83 17.13 12.25 -9.94
CA GLY B 83 15.97 11.54 -9.43
C GLY B 83 15.47 10.46 -10.35
N ILE B 84 14.34 9.87 -10.00
CA ILE B 84 13.72 8.82 -10.80
C ILE B 84 12.68 9.43 -11.75
N PRO B 85 12.81 9.13 -13.05
CA PRO B 85 11.88 9.65 -14.07
C PRO B 85 10.52 8.98 -13.97
N ASP B 86 9.64 9.53 -13.15
CA ASP B 86 8.31 8.97 -12.98
C ASP B 86 7.30 10.11 -12.97
N ARG B 87 6.02 9.75 -12.93
CA ARG B 87 4.94 10.74 -12.92
C ARG B 87 5.20 11.85 -11.91
N PHE B 88 5.56 11.44 -10.70
CA PHE B 88 5.83 12.36 -9.60
C PHE B 88 6.93 13.40 -9.88
N GLU B 89 6.65 14.64 -9.48
CA GLU B 89 7.59 15.74 -9.65
C GLU B 89 7.67 16.64 -8.40
N GLY B 90 7.33 16.10 -7.23
CA GLY B 90 7.38 16.87 -6.00
C GLY B 90 8.79 16.93 -5.43
N LYS B 91 9.05 17.89 -4.54
CA LYS B 91 10.37 18.08 -3.92
C LYS B 91 10.97 16.85 -3.22
N VAL B 92 12.01 16.29 -3.81
CA VAL B 92 12.67 15.11 -3.26
C VAL B 92 14.17 15.35 -3.23
N VAL B 93 14.90 14.43 -2.60
CA VAL B 93 16.35 14.56 -2.54
C VAL B 93 17.03 13.19 -2.69
N SER B 94 17.90 13.09 -3.69
CA SER B 94 18.63 11.85 -4.00
C SER B 94 19.99 11.77 -3.32
N ARG B 95 20.28 10.62 -2.73
CA ARG B 95 21.57 10.41 -2.09
C ARG B 95 22.11 9.01 -2.33
N LYS B 96 23.17 8.95 -3.14
CA LYS B 96 23.83 7.69 -3.47
C LYS B 96 24.61 7.31 -2.23
N ASP B 97 24.36 6.12 -1.68
CA ASP B 97 25.04 5.69 -0.45
C ASP B 97 26.09 4.59 -0.68
N VAL B 98 27.35 4.88 -0.34
CA VAL B 98 28.45 3.92 -0.51
C VAL B 98 29.13 3.53 0.80
N LEU B 99 29.21 2.22 1.03
CA LEU B 99 29.86 1.68 2.22
C LEU B 99 31.05 0.84 1.80
N ASN B 100 32.24 1.33 2.12
CA ASN B 100 33.48 0.64 1.78
C ASN B 100 34.06 0.03 3.05
N GLN B 101 34.44 -1.25 2.98
CA GLN B 101 34.99 -1.90 4.17
C GLN B 101 35.66 -3.25 3.91
N SER B 102 36.83 -3.44 4.52
CA SER B 102 37.59 -4.67 4.38
C SER B 102 37.32 -5.62 5.53
N ILE B 103 37.04 -6.89 5.21
CA ILE B 103 36.76 -7.87 6.26
C ILE B 103 37.38 -9.24 5.98
N SER B 104 37.70 -9.94 7.07
CA SER B 104 38.27 -11.27 7.00
C SER B 104 37.28 -12.26 7.58
N PHE B 105 37.20 -13.43 7.01
CA PHE B 105 36.20 -14.34 7.51
C PHE B 105 36.53 -15.25 8.65
N THR B 106 35.55 -15.50 9.50
CA THR B 106 35.85 -16.35 10.59
C THR B 106 36.22 -17.62 9.91
N ALA B 107 37.29 -18.22 10.35
CA ALA B 107 37.75 -19.46 9.76
C ALA B 107 36.90 -20.62 10.18
N GLY B 108 36.63 -21.53 9.26
CA GLY B 108 35.83 -22.70 9.58
C GLY B 108 34.37 -22.44 9.77
N GLN B 109 33.98 -21.21 9.55
CA GLN B 109 32.59 -20.84 9.70
C GLN B 109 32.00 -20.26 8.44
N ASP B 110 30.75 -20.61 8.21
CA ASP B 110 30.02 -20.14 7.04
C ASP B 110 29.25 -18.90 7.46
N THR B 111 29.58 -17.77 6.85
CA THR B 111 28.93 -16.50 7.17
C THR B 111 27.90 -16.14 6.08
N PHE B 112 26.71 -15.74 6.52
CA PHE B 112 25.61 -15.34 5.61
C PHE B 112 25.38 -13.81 5.71
N ILE B 113 25.25 -13.15 4.56
CA ILE B 113 25.04 -11.68 4.48
C ILE B 113 23.79 -11.33 3.66
N LEU B 114 23.07 -10.32 4.14
CA LEU B 114 21.82 -9.92 3.49
C LEU B 114 21.76 -8.45 3.19
N ILE B 115 21.39 -8.14 1.96
CA ILE B 115 21.27 -6.76 1.56
C ILE B 115 19.77 -6.52 1.50
N ALA B 116 19.27 -5.78 2.46
CA ALA B 116 17.84 -5.52 2.49
C ALA B 116 17.51 -4.08 2.24
N PRO B 117 16.28 -3.84 1.74
CA PRO B 117 15.80 -2.48 1.46
C PRO B 117 15.53 -1.72 2.76
N THR B 118 16.51 -1.73 3.65
CA THR B 118 16.37 -1.03 4.90
C THR B 118 17.31 0.12 4.72
N PRO B 119 16.76 1.33 4.74
CA PRO B 119 17.56 2.53 4.56
C PRO B 119 18.54 2.79 5.66
N GLY B 120 19.72 3.25 5.28
CA GLY B 120 20.77 3.55 6.22
C GLY B 120 21.51 2.33 6.67
N VAL B 121 21.16 1.20 6.11
CA VAL B 121 21.83 -0.02 6.49
C VAL B 121 22.37 -0.71 5.27
N ALA B 122 23.65 -1.02 5.28
CA ALA B 122 24.17 -1.69 4.10
C ALA B 122 23.65 -3.11 4.06
N TYR B 123 24.05 -3.91 5.05
CA TYR B 123 23.64 -5.31 5.12
C TYR B 123 23.46 -5.77 6.56
N TRP B 124 23.17 -7.06 6.69
CA TRP B 124 22.98 -7.72 7.98
C TRP B 124 23.78 -9.01 7.90
N SER B 125 24.72 -9.20 8.81
CA SER B 125 25.54 -10.41 8.78
C SER B 125 25.51 -11.19 10.07
N ALA B 126 25.73 -12.49 9.95
CA ALA B 126 25.76 -13.37 11.10
C ALA B 126 26.53 -14.61 10.65
N SER B 127 27.06 -15.35 11.61
CA SER B 127 27.83 -16.54 11.29
C SER B 127 27.28 -17.80 11.93
N VAL B 128 27.24 -18.87 11.15
CA VAL B 128 26.80 -20.18 11.62
C VAL B 128 27.91 -21.18 11.32
N PRO B 129 27.89 -22.33 12.00
CA PRO B 129 28.94 -23.34 11.76
C PRO B 129 28.82 -23.85 10.32
N ALA B 130 29.95 -24.25 9.75
CA ALA B 130 30.02 -24.73 8.37
C ALA B 130 28.88 -25.62 7.86
N GLY B 131 28.43 -25.32 6.63
CA GLY B 131 27.37 -26.06 5.97
C GLY B 131 26.00 -26.10 6.62
N THR B 132 25.76 -25.22 7.59
CA THR B 132 24.46 -25.20 8.25
C THR B 132 23.70 -23.93 7.92
N PHE B 133 22.38 -24.01 8.05
CA PHE B 133 21.55 -22.88 7.78
C PHE B 133 21.11 -22.18 9.04
N PRO B 134 20.69 -20.92 8.90
CA PRO B 134 20.23 -20.12 10.02
C PRO B 134 19.18 -20.88 10.83
N THR B 135 19.31 -20.85 12.16
CA THR B 135 18.36 -21.53 13.03
C THR B 135 17.71 -20.49 13.94
N SER B 136 16.64 -20.90 14.60
CA SER B 136 15.94 -20.00 15.50
C SER B 136 16.90 -19.29 16.47
N ALA B 137 17.98 -19.98 16.83
CA ALA B 137 18.98 -19.45 17.77
C ALA B 137 19.87 -18.34 17.21
N THR B 138 20.09 -18.35 15.90
CA THR B 138 20.95 -17.36 15.25
C THR B 138 20.27 -15.99 15.06
N THR B 139 21.08 -14.94 15.14
CA THR B 139 20.59 -13.58 15.01
C THR B 139 21.52 -12.69 14.18
N PHE B 140 20.94 -11.73 13.46
CA PHE B 140 21.70 -10.82 12.60
C PHE B 140 21.94 -9.40 13.08
N ASN B 141 23.16 -8.94 12.83
CA ASN B 141 23.54 -7.60 13.21
C ASN B 141 23.76 -6.83 11.91
N PRO B 142 23.29 -5.58 11.87
CA PRO B 142 23.41 -4.70 10.70
C PRO B 142 24.65 -3.84 10.69
N VAL B 143 25.07 -3.42 9.51
CA VAL B 143 26.20 -2.53 9.42
C VAL B 143 25.74 -1.27 8.70
N ASN B 144 25.86 -0.15 9.40
CA ASN B 144 25.43 1.16 8.94
C ASN B 144 26.28 1.86 7.91
N TYR B 145 25.62 2.44 6.91
CA TYR B 145 26.33 3.22 5.92
C TYR B 145 26.77 4.40 6.77
N PRO B 146 27.86 5.07 6.40
CA PRO B 146 28.35 6.22 7.17
C PRO B 146 27.32 7.32 7.46
N GLY B 147 27.46 7.96 8.61
CA GLY B 147 26.55 9.04 8.97
C GLY B 147 25.08 8.67 9.06
N PHE B 148 24.79 7.41 9.37
CA PHE B 148 23.41 6.96 9.52
C PHE B 148 22.77 7.74 10.67
N THR B 149 23.44 7.65 11.82
CA THR B 149 23.03 8.29 13.06
C THR B 149 22.67 9.76 12.83
N SER B 150 23.34 10.37 11.86
CA SER B 150 23.16 11.78 11.51
C SER B 150 21.80 12.18 10.96
N MET B 151 21.02 11.23 10.45
CA MET B 151 19.71 11.56 9.89
C MET B 151 18.54 10.86 10.53
N PHE B 152 18.86 9.88 11.38
CA PHE B 152 17.81 9.13 12.06
C PHE B 152 17.97 9.28 13.54
N GLY B 153 18.49 10.43 13.93
CA GLY B 153 18.70 10.75 15.33
C GLY B 153 19.32 9.64 16.13
N THR B 154 19.07 9.70 17.43
CA THR B 154 19.61 8.72 18.36
C THR B 154 18.57 7.74 18.89
N THR B 155 17.30 8.14 18.95
CA THR B 155 16.27 7.22 19.44
C THR B 155 15.34 6.81 18.31
N SER B 156 14.69 5.65 18.46
CA SER B 156 13.76 5.11 17.47
C SER B 156 12.59 6.04 17.18
N THR B 157 12.25 6.86 18.17
CA THR B 157 11.15 7.82 18.04
C THR B 157 11.64 9.10 17.34
N SER B 158 12.91 9.09 16.92
CA SER B 158 13.53 10.23 16.24
C SER B 158 13.95 9.93 14.80
N ARG B 159 13.25 9.04 14.11
CA ARG B 159 13.59 8.72 12.72
C ARG B 159 12.86 9.67 11.76
N SER B 160 11.64 10.04 12.13
CA SER B 160 10.78 10.90 11.32
C SER B 160 11.14 12.38 11.18
N ASN B 161 12.01 12.90 12.05
CA ASN B 161 12.33 14.32 11.96
C ASN B 161 13.02 14.80 10.69
N GLN B 162 14.09 14.12 10.29
CA GLN B 162 14.77 14.55 9.09
C GLN B 162 13.96 14.35 7.81
N VAL B 163 13.36 13.16 7.67
CA VAL B 163 12.56 12.84 6.48
C VAL B 163 11.26 12.09 6.79
N SER B 164 10.31 12.13 5.86
CA SER B 164 9.00 11.49 6.06
C SER B 164 8.62 10.23 5.24
N SER B 165 9.32 9.96 4.14
CA SER B 165 9.03 8.78 3.33
C SER B 165 10.13 8.54 2.29
N PHE B 166 10.12 7.39 1.64
CA PHE B 166 11.17 7.07 0.68
C PHE B 166 10.83 5.98 -0.32
N ARG B 167 11.84 5.62 -1.10
CA ARG B 167 11.77 4.57 -2.10
C ARG B 167 13.18 4.41 -2.68
N TYR B 168 13.57 3.17 -2.93
CA TYR B 168 14.90 2.82 -3.46
C TYR B 168 15.03 2.90 -4.98
N ALA B 169 16.17 3.41 -5.46
CA ALA B 169 16.43 3.53 -6.89
C ALA B 169 17.04 2.20 -7.40
N SER B 170 18.08 1.76 -6.72
CA SER B 170 18.77 0.52 -7.04
C SER B 170 19.45 0.11 -5.77
N MET B 171 20.02 -1.09 -5.77
CA MET B 171 20.71 -1.60 -4.61
C MET B 171 21.78 -2.51 -5.17
N ASN B 172 23.04 -2.07 -5.08
CA ASN B 172 24.14 -2.84 -5.61
C ASN B 172 25.15 -3.24 -4.55
N VAL B 173 25.77 -4.40 -4.74
CA VAL B 173 26.78 -4.93 -3.82
C VAL B 173 27.92 -5.67 -4.52
N GLY B 174 29.12 -5.56 -3.98
CA GLY B 174 30.26 -6.21 -4.59
C GLY B 174 31.26 -6.81 -3.62
N ILE B 175 32.16 -7.60 -4.18
CA ILE B 175 33.21 -8.27 -3.40
C ILE B 175 34.50 -8.44 -4.17
N TYR B 176 35.55 -7.87 -3.62
CA TYR B 176 36.85 -7.97 -4.23
C TYR B 176 37.76 -8.68 -3.25
N PRO B 177 38.13 -9.93 -3.54
CA PRO B 177 39.00 -10.68 -2.62
C PRO B 177 40.44 -10.13 -2.51
N THR B 178 41.04 -10.28 -1.33
CA THR B 178 42.40 -9.81 -1.06
C THR B 178 43.41 -10.96 -0.96
N SER B 179 42.97 -12.10 -0.42
CA SER B 179 43.81 -13.30 -0.24
C SER B 179 44.74 -13.63 -1.42
N ASN B 180 45.88 -14.25 -1.14
CA ASN B 180 46.82 -14.65 -2.17
C ASN B 180 46.56 -16.11 -2.53
N LEU B 181 47.03 -16.53 -3.69
CA LEU B 181 46.85 -17.88 -4.22
C LEU B 181 47.01 -19.07 -3.29
N MET B 182 47.98 -18.98 -2.41
CA MET B 182 48.28 -20.05 -1.48
C MET B 182 47.43 -20.06 -0.20
N GLN B 183 46.83 -18.92 0.14
CA GLN B 183 46.02 -18.87 1.36
C GLN B 183 44.50 -18.98 1.22
N PHE B 184 43.96 -18.47 0.12
CA PHE B 184 42.51 -18.49 -0.12
C PHE B 184 41.87 -19.85 -0.34
N ALA B 185 40.65 -20.00 0.16
CA ALA B 185 39.88 -21.23 0.04
C ALA B 185 38.38 -20.98 0.17
N GLY B 186 37.58 -21.95 -0.27
CA GLY B 186 36.13 -21.84 -0.19
C GLY B 186 35.34 -21.28 -1.35
N SER B 187 34.02 -21.25 -1.16
CA SER B 187 33.07 -20.78 -2.16
C SER B 187 32.02 -19.79 -1.66
N ILE B 188 31.49 -19.01 -2.59
CA ILE B 188 30.46 -18.04 -2.26
C ILE B 188 29.35 -18.23 -3.28
N THR B 189 28.15 -18.42 -2.79
CA THR B 189 27.01 -18.63 -3.65
C THR B 189 25.95 -17.56 -3.38
N VAL B 190 25.08 -17.32 -4.34
CA VAL B 190 24.08 -16.27 -4.15
C VAL B 190 22.71 -16.45 -4.82
N TRP B 191 21.66 -16.07 -4.09
CA TRP B 191 20.29 -16.11 -4.59
C TRP B 191 19.48 -14.92 -4.03
N LYS B 192 18.35 -14.59 -4.65
CA LYS B 192 17.53 -13.47 -4.21
C LYS B 192 16.17 -13.89 -3.66
N CYS B 193 15.87 -13.48 -2.42
CA CYS B 193 14.61 -13.79 -1.78
C CYS B 193 13.64 -12.61 -1.81
N PRO B 194 12.44 -12.84 -2.35
CA PRO B 194 11.43 -11.79 -2.44
C PRO B 194 10.84 -11.56 -1.04
N VAL B 195 11.53 -10.77 -0.23
CA VAL B 195 11.06 -10.51 1.13
C VAL B 195 10.26 -9.23 1.28
N LYS B 196 9.09 -9.38 1.90
CA LYS B 196 8.14 -8.30 2.17
C LYS B 196 7.95 -8.12 3.68
N LEU B 197 7.41 -6.96 4.06
CA LEU B 197 7.14 -6.66 5.45
C LEU B 197 5.64 -6.75 5.73
N SER B 198 5.25 -7.76 6.48
CA SER B 198 3.85 -7.92 6.80
C SER B 198 3.58 -7.66 8.26
N THR B 199 2.39 -8.06 8.68
CA THR B 199 1.95 -7.88 10.04
C THR B 199 1.21 -9.16 10.46
N VAL B 200 1.41 -9.56 11.72
CA VAL B 200 0.78 -10.78 12.21
C VAL B 200 0.05 -10.55 13.55
N GLN B 201 -1.22 -11.00 13.59
CA GLN B 201 -2.07 -10.84 14.79
C GLN B 201 -2.27 -12.18 15.51
N PHE B 202 -2.44 -12.10 16.81
CA PHE B 202 -2.62 -13.31 17.60
C PHE B 202 -3.20 -12.96 18.94
N PRO B 203 -3.81 -13.96 19.61
CA PRO B 203 -4.41 -13.74 20.92
C PRO B 203 -3.35 -13.55 22.03
N VAL B 204 -3.72 -12.87 23.11
CA VAL B 204 -2.83 -12.63 24.24
C VAL B 204 -3.66 -12.69 25.53
N ALA B 205 -3.23 -13.49 26.49
CA ALA B 205 -3.97 -13.64 27.74
C ALA B 205 -3.55 -12.72 28.89
N THR B 206 -4.24 -11.60 29.00
CA THR B 206 -3.99 -10.63 30.07
C THR B 206 -5.36 -10.29 30.61
N ASP B 207 -5.42 -9.34 31.54
CA ASP B 207 -6.69 -8.94 32.10
C ASP B 207 -6.97 -7.46 31.84
N PRO B 208 -7.91 -7.18 30.92
CA PRO B 208 -8.67 -8.18 30.16
C PRO B 208 -7.82 -8.78 29.04
N ALA B 209 -8.22 -9.95 28.56
CA ALA B 209 -7.49 -10.61 27.48
C ALA B 209 -7.72 -9.85 26.17
N THR B 210 -6.67 -9.74 25.36
CA THR B 210 -6.76 -9.02 24.08
C THR B 210 -5.85 -9.62 22.99
N SER B 211 -6.00 -9.13 21.75
CA SER B 211 -5.20 -9.62 20.61
C SER B 211 -4.41 -8.47 19.96
N SER B 212 -3.11 -8.37 20.26
CA SER B 212 -2.31 -7.30 19.68
C SER B 212 -1.63 -7.75 18.39
N LEU B 213 -1.36 -6.77 17.53
CA LEU B 213 -0.72 -7.00 16.25
C LEU B 213 0.72 -6.50 16.25
N VAL B 214 1.58 -7.21 15.53
CA VAL B 214 2.98 -6.83 15.45
C VAL B 214 3.58 -7.09 14.07
N HIS B 215 4.40 -6.14 13.60
CA HIS B 215 5.06 -6.23 12.29
C HIS B 215 5.92 -7.47 12.21
N THR B 216 5.96 -8.08 11.04
CA THR B 216 6.75 -9.29 10.87
C THR B 216 7.19 -9.40 9.42
N LEU B 217 8.30 -10.10 9.19
CA LEU B 217 8.77 -10.27 7.82
C LEU B 217 8.42 -11.62 7.24
N VAL B 218 7.85 -11.57 6.03
CA VAL B 218 7.44 -12.75 5.30
C VAL B 218 8.45 -13.05 4.18
N GLY B 219 8.43 -14.26 3.65
CA GLY B 219 9.37 -14.63 2.60
C GLY B 219 10.71 -14.80 3.27
N LEU B 220 10.66 -14.70 4.60
CA LEU B 220 11.82 -14.82 5.46
C LEU B 220 12.44 -16.20 5.29
N ASN B 221 11.56 -17.18 5.14
CA ASN B 221 11.93 -18.58 4.98
C ASN B 221 12.88 -18.98 3.83
N GLY B 222 12.73 -18.37 2.65
CA GLY B 222 13.58 -18.72 1.52
C GLY B 222 15.08 -18.77 1.80
N VAL B 223 15.50 -18.08 2.84
CA VAL B 223 16.91 -18.08 3.16
C VAL B 223 17.53 -19.37 3.64
N LEU B 224 16.77 -20.27 4.20
CA LEU B 224 17.37 -21.49 4.69
C LEU B 224 18.04 -22.37 3.66
N ALA B 225 17.43 -22.47 2.51
CA ALA B 225 17.99 -23.30 1.46
C ALA B 225 18.35 -22.53 0.22
N VAL B 226 19.45 -22.90 -0.40
CA VAL B 226 19.84 -22.19 -1.59
C VAL B 226 18.89 -22.34 -2.74
N GLY B 227 18.63 -21.20 -3.34
CA GLY B 227 17.76 -21.00 -4.48
C GLY B 227 17.97 -21.99 -5.61
N PRO B 228 16.90 -22.43 -6.32
CA PRO B 228 17.02 -23.39 -7.43
C PRO B 228 18.04 -22.87 -8.45
N ASP B 229 17.97 -21.57 -8.75
CA ASP B 229 18.91 -20.94 -9.68
C ASP B 229 19.76 -20.02 -8.80
N ASN B 230 21.05 -19.96 -9.09
CA ASN B 230 21.97 -19.17 -8.27
C ASN B 230 23.31 -18.92 -8.95
N PHE B 231 24.14 -18.13 -8.28
CA PHE B 231 25.48 -17.86 -8.76
C PHE B 231 26.42 -18.59 -7.81
N SER B 232 26.88 -19.76 -8.22
CA SER B 232 27.78 -20.55 -7.39
C SER B 232 29.20 -20.36 -7.90
N GLU B 233 30.08 -19.78 -7.09
CA GLU B 233 31.46 -19.61 -7.55
C GLU B 233 32.56 -19.56 -6.50
N SER B 234 33.77 -19.89 -6.94
CA SER B 234 34.95 -19.90 -6.10
C SER B 234 35.17 -18.56 -5.43
N PHE B 235 35.43 -18.62 -4.12
CA PHE B 235 35.67 -17.44 -3.31
C PHE B 235 36.70 -16.50 -3.92
N ILE B 236 37.67 -17.06 -4.65
CA ILE B 236 38.74 -16.27 -5.26
C ILE B 236 38.32 -15.44 -6.46
N LYS B 237 37.23 -15.84 -7.12
CA LYS B 237 36.76 -15.11 -8.28
C LYS B 237 35.85 -13.92 -7.90
N GLY B 238 35.53 -13.78 -6.61
CA GLY B 238 34.68 -12.68 -6.15
C GLY B 238 33.34 -12.61 -6.85
N VAL B 239 32.61 -11.51 -6.68
CA VAL B 239 31.29 -11.36 -7.32
C VAL B 239 30.66 -9.95 -7.22
N PHE B 240 29.84 -9.63 -8.22
CA PHE B 240 29.17 -8.33 -8.34
C PHE B 240 27.67 -8.65 -8.52
N SER B 241 26.80 -7.96 -7.79
CA SER B 241 25.36 -8.22 -7.92
C SER B 241 24.48 -7.00 -7.70
N GLN B 242 23.24 -7.07 -8.17
CA GLN B 242 22.34 -5.95 -8.02
C GLN B 242 20.89 -6.38 -7.82
N SER B 243 20.13 -5.53 -7.15
CA SER B 243 18.71 -5.77 -6.88
C SER B 243 17.89 -4.70 -7.60
N ALA B 244 16.69 -5.07 -8.02
CA ALA B 244 15.82 -4.13 -8.73
C ALA B 244 14.45 -4.00 -8.06
N CYS B 245 13.65 -3.09 -8.58
CA CYS B 245 12.31 -2.83 -8.05
C CYS B 245 11.47 -4.11 -7.94
N ASN B 246 10.73 -4.22 -6.83
CA ASN B 246 9.89 -5.37 -6.56
C ASN B 246 8.42 -5.10 -6.88
N GLU B 247 8.10 -3.86 -7.26
CA GLU B 247 6.73 -3.45 -7.59
C GLU B 247 6.70 -2.92 -9.03
N PRO B 248 5.54 -2.98 -9.70
CA PRO B 248 5.41 -2.48 -11.08
C PRO B 248 5.79 -1.00 -11.21
N ASN B 249 5.25 -0.19 -10.29
CA ASN B 249 5.53 1.24 -10.24
C ASN B 249 6.19 1.54 -8.89
N PHE B 250 6.86 2.69 -8.80
CA PHE B 250 7.55 3.07 -7.58
C PHE B 250 6.64 3.78 -6.60
N GLN B 251 6.59 3.25 -5.38
CA GLN B 251 5.75 3.81 -4.33
C GLN B 251 6.60 4.20 -3.13
N PHE B 252 6.18 5.27 -2.46
CA PHE B 252 6.87 5.77 -1.28
C PHE B 252 6.48 4.99 -0.04
N ASN B 253 7.48 4.56 0.70
CA ASN B 253 7.23 3.82 1.93
C ASN B 253 7.47 4.79 3.08
N ASP B 254 6.51 4.83 4.00
CA ASP B 254 6.59 5.72 5.16
C ASP B 254 7.77 5.27 6.03
N ILE B 255 8.18 6.14 6.95
CA ILE B 255 9.27 5.82 7.86
C ILE B 255 8.70 4.96 9.00
N LEU B 256 9.57 4.27 9.72
CA LEU B 256 9.10 3.41 10.80
C LEU B 256 9.65 3.73 12.19
N GLN B 257 8.73 4.16 13.04
CA GLN B 257 9.05 4.56 14.39
C GLN B 257 9.05 3.42 15.39
N GLY B 258 9.95 3.55 16.37
CA GLY B 258 10.08 2.58 17.44
C GLY B 258 10.52 1.17 17.14
N ILE B 259 10.96 0.91 15.92
CA ILE B 259 11.39 -0.45 15.60
C ILE B 259 12.89 -0.61 15.68
N GLN B 260 13.31 -1.45 16.62
CA GLN B 260 14.72 -1.71 16.86
C GLN B 260 15.05 -3.18 16.64
N THR B 261 14.18 -4.07 17.12
CA THR B 261 14.42 -5.50 16.95
C THR B 261 13.17 -6.19 16.43
N LEU B 262 13.36 -7.28 15.69
CA LEU B 262 12.29 -8.07 15.10
C LEU B 262 12.63 -9.56 15.14
N PRO B 263 11.83 -10.37 15.85
CA PRO B 263 10.63 -9.99 16.60
C PRO B 263 10.88 -8.93 17.67
N PRO B 264 9.94 -7.98 17.85
CA PRO B 264 10.13 -6.93 18.85
C PRO B 264 10.14 -7.51 20.26
N ALA B 265 10.86 -6.87 21.18
CA ALA B 265 10.93 -7.35 22.54
C ALA B 265 9.52 -7.63 23.05
N ASN B 266 9.39 -8.57 23.99
CA ASN B 266 8.10 -8.95 24.56
C ASN B 266 7.31 -9.86 23.62
N VAL B 267 7.98 -10.29 22.56
CA VAL B 267 7.34 -11.17 21.57
C VAL B 267 8.11 -12.48 21.39
N SER B 268 7.40 -13.59 21.59
CA SER B 268 7.98 -14.91 21.44
C SER B 268 8.28 -15.08 19.95
N LEU B 269 9.41 -15.70 19.63
CA LEU B 269 9.77 -15.90 18.22
C LEU B 269 8.85 -16.91 17.54
N GLY B 270 8.35 -17.86 18.33
CA GLY B 270 7.47 -18.87 17.78
C GLY B 270 6.22 -18.26 17.20
N SER B 271 5.58 -17.39 17.98
CA SER B 271 4.37 -16.72 17.55
C SER B 271 4.57 -15.86 16.30
N THR B 272 5.77 -15.31 16.09
CA THR B 272 6.04 -14.47 14.92
C THR B 272 6.09 -15.25 13.61
N GLY B 273 6.48 -16.52 13.67
CA GLY B 273 6.54 -17.35 12.47
C GLY B 273 7.83 -17.27 11.70
N GLN B 274 8.59 -16.19 11.85
CA GLN B 274 9.85 -16.10 11.12
C GLN B 274 10.90 -17.00 11.72
N PRO B 275 11.78 -17.50 10.87
CA PRO B 275 12.88 -18.40 11.26
C PRO B 275 13.92 -17.85 12.21
N PHE B 276 14.34 -16.60 12.08
CA PHE B 276 15.36 -16.09 13.00
C PHE B 276 15.26 -14.64 13.42
N THR B 277 15.85 -14.33 14.56
CA THR B 277 15.83 -12.96 15.07
C THR B 277 16.68 -11.93 14.34
N MET B 278 16.33 -10.67 14.60
CA MET B 278 16.99 -9.50 14.04
C MET B 278 17.05 -8.39 15.08
N ASP B 279 18.27 -7.97 15.43
CA ASP B 279 18.44 -6.92 16.42
C ASP B 279 19.19 -5.75 15.83
N SER B 280 18.65 -4.56 16.05
CA SER B 280 19.27 -3.34 15.55
C SER B 280 20.42 -2.94 16.46
N GLY B 281 20.22 -3.12 17.76
CA GLY B 281 21.23 -2.75 18.72
C GLY B 281 20.69 -1.57 19.48
N ALA B 282 21.56 -0.71 20.01
CA ALA B 282 21.13 0.47 20.76
C ALA B 282 20.46 1.48 19.84
N GLU B 283 19.44 2.16 20.34
CA GLU B 283 18.75 3.15 19.53
C GLU B 283 19.75 4.11 18.91
N ALA B 284 20.80 4.40 19.67
CA ALA B 284 21.85 5.35 19.26
C ALA B 284 22.71 4.92 18.08
N THR B 285 23.32 3.74 18.18
CA THR B 285 24.20 3.22 17.13
C THR B 285 23.52 2.89 15.78
N SER B 286 22.45 2.09 15.81
CA SER B 286 21.72 1.69 14.60
C SER B 286 20.20 1.72 14.78
N GLY B 287 19.47 1.18 13.82
CA GLY B 287 18.02 1.17 13.91
C GLY B 287 17.36 0.71 12.61
N VAL B 288 16.11 0.29 12.69
CA VAL B 288 15.37 -0.14 11.50
C VAL B 288 14.38 0.91 11.05
N VAL B 289 14.84 1.69 10.08
CA VAL B 289 14.08 2.79 9.52
C VAL B 289 12.90 2.37 8.64
N GLY B 290 13.16 1.62 7.59
CA GLY B 290 12.07 1.21 6.72
C GLY B 290 12.34 -0.02 5.88
N TRP B 291 11.30 -0.45 5.17
CA TRP B 291 11.39 -1.63 4.30
C TRP B 291 10.96 -1.34 2.87
N GLY B 292 11.96 -1.18 1.99
CA GLY B 292 11.70 -0.88 0.59
C GLY B 292 11.17 -2.04 -0.23
N ASN B 293 10.59 -1.71 -1.38
CA ASN B 293 10.05 -2.72 -2.29
C ASN B 293 11.17 -3.18 -3.22
N MET B 294 12.00 -4.08 -2.72
CA MET B 294 13.11 -4.62 -3.51
C MET B 294 13.35 -6.03 -3.04
N ASP B 295 13.57 -6.93 -4.00
CA ASP B 295 13.86 -8.30 -3.61
C ASP B 295 15.14 -8.15 -2.81
N THR B 296 15.33 -9.03 -1.84
CA THR B 296 16.51 -8.97 -0.99
C THR B 296 17.59 -9.91 -1.50
N ILE B 297 18.85 -9.59 -1.22
CA ILE B 297 19.97 -10.40 -1.68
C ILE B 297 20.55 -11.27 -0.57
N VAL B 298 20.73 -12.55 -0.86
CA VAL B 298 21.27 -13.52 0.08
C VAL B 298 22.63 -14.00 -0.40
N ILE B 299 23.58 -14.16 0.52
CA ILE B 299 24.92 -14.62 0.14
C ILE B 299 25.63 -15.51 1.15
N ARG B 300 25.90 -16.76 0.76
CA ARG B 300 26.60 -17.66 1.66
C ARG B 300 28.08 -17.53 1.32
N VAL B 301 28.92 -17.73 2.31
CA VAL B 301 30.35 -17.64 2.10
C VAL B 301 31.08 -18.68 2.91
N SER B 302 31.48 -19.77 2.24
CA SER B 302 32.17 -20.86 2.90
C SER B 302 33.61 -20.46 3.24
N ALA B 303 33.98 -20.67 4.50
CA ALA B 303 35.32 -20.37 5.00
C ALA B 303 35.92 -21.65 5.58
N PRO B 304 36.63 -22.43 4.79
CA PRO B 304 37.23 -23.64 5.34
C PRO B 304 38.11 -23.14 6.45
N GLU B 305 38.23 -23.88 7.55
CA GLU B 305 39.05 -23.47 8.68
C GLU B 305 40.54 -23.27 8.44
N GLY B 306 41.17 -24.16 7.68
CA GLY B 306 42.59 -23.97 7.44
C GLY B 306 42.71 -23.02 6.28
N ALA B 307 42.32 -21.78 6.48
CA ALA B 307 42.41 -20.84 5.41
C ALA B 307 42.37 -19.40 5.76
N VAL B 308 42.80 -18.61 4.81
CA VAL B 308 42.83 -17.17 5.03
C VAL B 308 41.98 -16.53 3.94
N ASN B 309 40.88 -15.89 4.35
CA ASN B 309 39.99 -15.26 3.41
C ASN B 309 39.81 -13.78 3.74
N SER B 310 40.52 -12.94 3.00
CA SER B 310 40.47 -11.51 3.16
C SER B 310 39.73 -10.98 1.95
N ALA B 311 39.11 -9.82 2.10
CA ALA B 311 38.39 -9.27 0.98
C ALA B 311 37.79 -7.92 1.29
N ILE B 312 37.60 -7.13 0.24
CA ILE B 312 37.02 -5.79 0.33
C ILE B 312 35.56 -5.92 -0.04
N LEU B 313 34.74 -5.03 0.50
CA LEU B 313 33.31 -5.09 0.25
C LEU B 313 32.67 -3.71 0.02
N LYS B 314 32.20 -3.48 -1.21
CA LYS B 314 31.54 -2.24 -1.58
C LYS B 314 30.04 -2.51 -1.69
N ALA B 315 29.24 -1.56 -1.24
CA ALA B 315 27.80 -1.71 -1.31
C ALA B 315 27.19 -0.34 -1.40
N TRP B 316 26.61 -0.04 -2.56
CA TRP B 316 26.02 1.27 -2.74
C TRP B 316 24.64 1.25 -3.37
N SER B 317 23.70 1.98 -2.77
CA SER B 317 22.37 2.05 -3.34
C SER B 317 21.91 3.50 -3.45
N CYS B 318 21.48 3.90 -4.65
CA CYS B 318 21.00 5.26 -4.86
C CYS B 318 19.60 5.29 -4.29
N ILE B 319 19.17 6.39 -3.68
CA ILE B 319 17.81 6.36 -3.15
C ILE B 319 17.23 7.76 -2.97
N GLU B 320 15.90 7.85 -2.91
CA GLU B 320 15.21 9.15 -2.77
C GLU B 320 14.33 9.26 -1.53
N TYR B 321 14.43 10.41 -0.85
CA TYR B 321 13.67 10.68 0.37
C TYR B 321 12.88 11.99 0.23
N ARG B 322 11.87 12.15 1.07
CA ARG B 322 11.06 13.36 1.10
C ARG B 322 11.52 14.16 2.30
N PRO B 323 12.30 15.23 2.06
CA PRO B 323 12.82 16.07 3.14
C PRO B 323 11.71 16.78 3.92
N ASN B 324 11.91 16.94 5.22
CA ASN B 324 10.93 17.64 6.02
C ASN B 324 11.35 19.10 5.95
N PRO B 325 10.39 20.03 5.79
CA PRO B 325 10.71 21.45 5.72
C PRO B 325 11.71 21.93 6.78
N ASN B 326 11.56 21.43 8.01
CA ASN B 326 12.46 21.80 9.11
C ASN B 326 13.89 21.33 8.85
N ALA B 327 14.00 20.10 8.37
CA ALA B 327 15.27 19.43 8.07
C ALA B 327 16.37 20.34 7.52
N MET B 328 17.58 20.18 8.07
CA MET B 328 18.75 20.95 7.66
C MET B 328 19.29 20.53 6.30
N LEU B 329 18.65 19.53 5.71
CA LEU B 329 19.02 18.99 4.40
C LEU B 329 18.00 19.34 3.31
N TYR B 330 16.89 19.92 3.74
CA TYR B 330 15.82 20.30 2.83
C TYR B 330 16.32 21.16 1.64
N GLN B 331 17.41 21.89 1.82
CA GLN B 331 17.93 22.78 0.77
C GLN B 331 18.59 22.15 -0.45
N PHE B 332 19.06 20.91 -0.34
CA PHE B 332 19.71 20.26 -1.47
C PHE B 332 18.68 19.62 -2.39
N GLY B 333 17.50 19.38 -1.83
CA GLY B 333 16.43 18.76 -2.58
C GLY B 333 15.94 19.52 -3.81
N HIS B 334 15.79 18.77 -4.89
CA HIS B 334 15.30 19.30 -6.16
C HIS B 334 14.04 18.50 -6.51
N ASP B 335 13.22 19.03 -7.41
CA ASP B 335 11.98 18.35 -7.80
C ASP B 335 12.23 17.07 -8.61
N SER B 336 11.43 16.02 -8.37
CA SER B 336 11.57 14.76 -9.09
C SER B 336 11.49 15.00 -10.60
N PRO B 337 12.39 14.36 -11.36
CA PRO B 337 12.39 14.53 -12.82
C PRO B 337 11.12 14.07 -13.52
N PRO B 338 10.80 14.72 -14.66
CA PRO B 338 9.63 14.42 -15.47
C PRO B 338 9.58 12.97 -15.90
N LEU B 339 8.40 12.53 -16.33
CA LEU B 339 8.20 11.17 -16.78
C LEU B 339 9.06 10.89 -18.02
N ASP B 340 9.65 9.70 -18.07
CA ASP B 340 10.52 9.29 -19.18
C ASP B 340 10.22 7.84 -19.58
N GLU B 341 9.30 7.65 -20.53
CA GLU B 341 8.91 6.31 -20.99
C GLU B 341 10.03 5.43 -21.54
N VAL B 342 10.99 6.06 -22.24
CA VAL B 342 12.12 5.34 -22.81
C VAL B 342 12.97 4.69 -21.70
N ALA B 343 13.30 5.48 -20.67
CA ALA B 343 14.11 5.03 -19.55
C ALA B 343 13.45 4.00 -18.63
N LEU B 344 12.12 4.06 -18.51
CA LEU B 344 11.41 3.13 -17.66
C LEU B 344 11.40 1.75 -18.28
N GLN B 345 11.14 1.69 -19.58
CA GLN B 345 11.13 0.41 -20.27
C GLN B 345 12.51 -0.18 -20.33
N GLU B 346 13.52 0.68 -20.37
CA GLU B 346 14.90 0.23 -20.43
C GLU B 346 15.33 -0.27 -19.05
N TYR B 347 14.86 0.40 -18.00
CA TYR B 347 15.19 -0.02 -16.64
C TYR B 347 14.64 -1.44 -16.43
N ARG B 348 13.37 -1.64 -16.80
CA ARG B 348 12.72 -2.95 -16.65
C ARG B 348 13.36 -4.03 -17.51
N THR B 349 13.74 -3.69 -18.73
CA THR B 349 14.37 -4.64 -19.65
C THR B 349 15.75 -5.09 -19.19
N VAL B 350 16.56 -4.17 -18.69
CA VAL B 350 17.89 -4.51 -18.22
C VAL B 350 17.82 -5.31 -16.93
N ALA B 351 16.71 -5.17 -16.22
CA ALA B 351 16.47 -5.89 -14.98
C ALA B 351 16.27 -7.36 -15.36
N ARG B 352 15.34 -7.63 -16.24
CA ARG B 352 15.11 -9.00 -16.61
C ARG B 352 16.33 -9.59 -17.25
N SER B 353 17.11 -8.75 -17.88
CA SER B 353 18.31 -9.21 -18.60
C SER B 353 19.48 -9.66 -17.74
N LEU B 354 19.86 -8.84 -16.77
CA LEU B 354 20.99 -9.16 -15.91
C LEU B 354 20.86 -10.48 -15.16
N PRO B 355 21.97 -11.23 -15.05
CA PRO B 355 22.02 -12.52 -14.36
C PRO B 355 21.90 -12.33 -12.85
N VAL B 356 21.67 -13.44 -12.14
CA VAL B 356 21.57 -13.41 -10.68
C VAL B 356 22.74 -12.56 -10.15
N ALA B 357 23.94 -12.90 -10.58
CA ALA B 357 25.17 -12.19 -10.20
C ALA B 357 26.22 -12.51 -11.26
N VAL B 358 27.30 -11.76 -11.28
CA VAL B 358 28.36 -11.98 -12.25
C VAL B 358 29.66 -12.16 -11.50
N ILE B 359 30.67 -12.76 -12.15
CA ILE B 359 31.94 -12.94 -11.46
C ILE B 359 32.57 -11.57 -11.24
N ALA B 360 33.37 -11.43 -10.19
CA ALA B 360 34.03 -10.16 -9.90
C ALA B 360 35.11 -9.98 -10.95
N ALA B 361 35.60 -8.76 -11.09
CA ALA B 361 36.62 -8.45 -12.09
C ALA B 361 35.92 -8.39 -13.44
N GLN B 362 34.59 -8.32 -13.40
CA GLN B 362 33.74 -8.22 -14.58
C GLN B 362 32.53 -7.32 -14.29
N ALA C 55 -6.81 -5.19 -34.46
CA ALA C 55 -7.64 -5.34 -33.23
C ALA C 55 -7.05 -6.42 -32.30
N LEU C 56 -7.38 -7.67 -32.60
CA LEU C 56 -6.91 -8.81 -31.80
C LEU C 56 -5.52 -9.31 -32.27
N THR C 57 -5.01 -8.71 -33.34
CA THR C 57 -3.69 -9.07 -33.86
C THR C 57 -2.65 -8.05 -33.34
N ARG C 58 -3.15 -7.05 -32.59
CA ARG C 58 -2.34 -5.99 -32.00
C ARG C 58 -1.70 -6.40 -30.65
N LEU C 59 -2.47 -7.12 -29.83
CA LEU C 59 -2.07 -7.61 -28.51
C LEU C 59 -0.91 -8.63 -28.54
N SER C 60 -0.10 -8.65 -27.49
CA SER C 60 1.02 -9.61 -27.40
C SER C 60 0.39 -10.96 -27.06
N GLN C 61 1.03 -12.05 -27.45
CA GLN C 61 0.48 -13.39 -27.16
C GLN C 61 0.37 -13.71 -25.67
N PRO C 62 1.34 -13.25 -24.84
CA PRO C 62 1.26 -13.55 -23.40
C PRO C 62 0.11 -12.77 -22.76
N GLY C 63 -0.11 -11.56 -23.27
CA GLY C 63 -1.17 -10.70 -22.78
C GLY C 63 -2.54 -11.16 -23.23
N LEU C 64 -2.59 -12.31 -23.91
CA LEU C 64 -3.87 -12.83 -24.37
C LEU C 64 -4.34 -13.99 -23.48
N ALA C 65 -3.45 -14.95 -23.18
CA ALA C 65 -3.76 -16.11 -22.31
C ALA C 65 -4.13 -15.56 -20.95
N PHE C 66 -3.68 -14.33 -20.76
CA PHE C 66 -3.89 -13.53 -19.59
C PHE C 66 -5.35 -13.04 -19.60
N LEU C 67 -5.79 -12.57 -20.77
CA LEU C 67 -7.16 -12.06 -20.95
C LEU C 67 -8.21 -13.15 -20.91
N LYS C 68 -7.92 -14.31 -21.50
CA LYS C 68 -8.86 -15.43 -21.48
C LYS C 68 -9.05 -15.88 -20.05
N CYS C 69 -7.94 -15.96 -19.32
CA CYS C 69 -7.93 -16.37 -17.92
C CYS C 69 -8.77 -15.38 -17.08
N ALA C 70 -8.85 -14.14 -17.55
CA ALA C 70 -9.57 -13.07 -16.85
C ALA C 70 -11.07 -12.94 -17.11
N PHE C 71 -11.48 -12.88 -18.36
CA PHE C 71 -12.89 -12.72 -18.71
C PHE C 71 -13.66 -13.98 -19.12
N ALA C 72 -13.02 -14.83 -19.91
CA ALA C 72 -13.66 -16.05 -20.37
C ALA C 72 -12.94 -17.33 -19.94
N PRO C 73 -12.77 -17.54 -18.62
CA PRO C 73 -12.08 -18.75 -18.14
C PRO C 73 -12.87 -20.06 -18.36
N PRO C 74 -14.18 -19.97 -18.38
CA PRO C 74 -15.01 -21.13 -18.59
C PRO C 74 -14.83 -21.78 -19.95
N ASP C 75 -14.76 -20.94 -20.99
CA ASP C 75 -14.62 -21.43 -22.37
C ASP C 75 -13.41 -22.24 -22.80
N PHE C 76 -12.22 -21.84 -22.40
CA PHE C 76 -11.08 -22.62 -22.83
C PHE C 76 -10.87 -23.55 -21.68
N ASN C 77 -11.09 -24.82 -21.93
CA ASN C 77 -10.93 -25.83 -20.88
C ASN C 77 -9.67 -25.64 -20.04
N THR C 78 -8.56 -25.30 -20.70
CA THR C 78 -7.30 -25.09 -20.00
C THR C 78 -6.76 -23.70 -20.24
N ASP C 79 -6.43 -22.98 -19.17
CA ASP C 79 -5.90 -21.64 -19.30
C ASP C 79 -4.69 -21.42 -18.40
N PRO C 80 -3.53 -21.99 -18.67
CA PRO C 80 -2.45 -21.72 -17.72
C PRO C 80 -2.20 -20.22 -17.59
N GLY C 81 -2.07 -19.52 -18.69
CA GLY C 81 -1.84 -18.10 -18.66
C GLY C 81 -0.37 -17.84 -18.57
N LYS C 82 0.09 -16.67 -19.01
CA LYS C 82 1.49 -16.36 -18.93
C LYS C 82 1.74 -15.32 -17.85
N GLY C 83 0.70 -15.01 -17.09
CA GLY C 83 0.84 -14.03 -16.05
C GLY C 83 0.43 -12.69 -16.62
N ILE C 84 0.59 -11.66 -15.80
CA ILE C 84 0.24 -10.28 -16.13
C ILE C 84 1.32 -9.52 -16.90
N PRO C 85 0.94 -8.89 -18.03
CA PRO C 85 1.88 -8.13 -18.85
C PRO C 85 1.99 -6.81 -18.11
N ASP C 86 2.68 -6.86 -16.98
CA ASP C 86 2.84 -5.67 -16.19
C ASP C 86 4.20 -5.12 -16.53
N ARG C 87 4.37 -3.80 -16.38
CA ARG C 87 5.65 -3.16 -16.66
C ARG C 87 6.69 -3.95 -15.88
N PHE C 88 6.25 -4.61 -14.82
CA PHE C 88 7.16 -5.39 -14.02
C PHE C 88 7.36 -6.81 -14.45
N GLU C 89 8.62 -7.18 -14.61
CA GLU C 89 8.98 -8.53 -15.01
C GLU C 89 9.88 -9.08 -13.93
N GLY C 90 9.49 -10.21 -13.36
CA GLY C 90 10.25 -10.87 -12.32
C GLY C 90 9.74 -12.29 -12.30
N LYS C 91 10.48 -13.22 -11.73
CA LYS C 91 9.97 -14.56 -11.73
C LYS C 91 8.79 -14.59 -10.83
N VAL C 92 7.78 -15.32 -11.27
CA VAL C 92 6.57 -15.47 -10.53
C VAL C 92 5.88 -16.66 -11.10
N VAL C 93 4.94 -17.22 -10.35
CA VAL C 93 4.19 -18.39 -10.80
C VAL C 93 2.70 -18.07 -10.94
N SER C 94 2.16 -18.38 -12.11
CA SER C 94 0.75 -18.11 -12.39
C SER C 94 -0.10 -19.37 -12.25
N ARG C 95 -0.84 -19.49 -11.14
CA ARG C 95 -1.71 -20.66 -10.94
C ARG C 95 -3.17 -20.29 -10.94
N LYS C 96 -3.95 -20.96 -11.78
CA LYS C 96 -5.38 -20.71 -11.88
C LYS C 96 -6.16 -21.69 -11.01
N ASP C 97 -7.02 -21.15 -10.15
CA ASP C 97 -7.82 -21.96 -9.26
C ASP C 97 -9.20 -22.30 -9.79
N VAL C 98 -9.56 -23.58 -9.68
CA VAL C 98 -10.85 -24.08 -10.12
C VAL C 98 -11.45 -24.91 -9.00
N LEU C 99 -12.66 -24.55 -8.60
CA LEU C 99 -13.36 -25.26 -7.55
C LEU C 99 -14.73 -25.69 -8.00
N ASN C 100 -15.05 -26.97 -7.88
CA ASN C 100 -16.36 -27.45 -8.25
C ASN C 100 -17.06 -27.88 -6.96
N GLN C 101 -18.28 -27.38 -6.76
CA GLN C 101 -19.02 -27.69 -5.55
C GLN C 101 -20.51 -27.85 -5.85
N SER C 102 -21.09 -28.98 -5.45
CA SER C 102 -22.52 -29.24 -5.63
C SER C 102 -23.21 -28.79 -4.35
N ILE C 103 -24.24 -27.96 -4.46
CA ILE C 103 -24.89 -27.47 -3.27
C ILE C 103 -26.40 -27.60 -3.15
N SER C 104 -26.86 -27.87 -1.92
CA SER C 104 -28.28 -28.00 -1.60
C SER C 104 -28.65 -26.82 -0.69
N PHE C 105 -29.71 -26.11 -1.04
CA PHE C 105 -30.09 -24.93 -0.26
C PHE C 105 -31.19 -25.17 0.71
N THR C 106 -31.04 -24.57 1.88
CA THR C 106 -32.06 -24.75 2.86
C THR C 106 -33.30 -24.04 2.36
N ALA C 107 -34.41 -24.75 2.42
CA ALA C 107 -35.66 -24.21 1.97
C ALA C 107 -36.10 -23.19 2.97
N GLY C 108 -36.93 -22.28 2.55
CA GLY C 108 -37.39 -21.27 3.49
C GLY C 108 -36.30 -20.38 4.04
N GLN C 109 -35.15 -20.36 3.38
CA GLN C 109 -34.07 -19.53 3.85
C GLN C 109 -33.17 -19.00 2.77
N ASP C 110 -32.93 -17.71 2.82
CA ASP C 110 -32.07 -17.04 1.87
C ASP C 110 -30.66 -17.37 2.34
N THR C 111 -29.88 -18.03 1.49
CA THR C 111 -28.52 -18.35 1.84
C THR C 111 -27.68 -17.34 1.07
N PHE C 112 -26.77 -16.68 1.77
CA PHE C 112 -25.91 -15.67 1.16
C PHE C 112 -24.50 -16.19 0.90
N ILE C 113 -23.94 -15.78 -0.24
CA ILE C 113 -22.60 -16.19 -0.61
C ILE C 113 -21.67 -15.05 -0.94
N LEU C 114 -20.40 -15.23 -0.58
CA LEU C 114 -19.40 -14.19 -0.76
C LEU C 114 -18.15 -14.61 -1.50
N ILE C 115 -17.84 -13.84 -2.53
CA ILE C 115 -16.65 -14.10 -3.32
C ILE C 115 -15.72 -12.95 -3.05
N ALA C 116 -14.74 -13.20 -2.20
CA ALA C 116 -13.78 -12.18 -1.83
C ALA C 116 -12.43 -12.56 -2.37
N PRO C 117 -11.58 -11.57 -2.55
CA PRO C 117 -10.24 -11.84 -3.07
C PRO C 117 -9.31 -12.26 -1.95
N THR C 118 -9.53 -13.47 -1.46
CA THR C 118 -8.73 -14.03 -0.39
C THR C 118 -8.12 -15.24 -1.06
N PRO C 119 -6.82 -15.37 -1.00
CA PRO C 119 -6.16 -16.52 -1.63
C PRO C 119 -6.42 -17.84 -0.94
N GLY C 120 -6.68 -18.86 -1.76
CA GLY C 120 -6.92 -20.20 -1.27
C GLY C 120 -8.36 -20.57 -0.97
N VAL C 121 -9.16 -19.56 -0.67
CA VAL C 121 -10.57 -19.78 -0.36
C VAL C 121 -11.54 -19.15 -1.35
N ALA C 122 -12.22 -19.96 -2.14
CA ALA C 122 -13.17 -19.41 -3.10
C ALA C 122 -14.40 -18.68 -2.63
N TYR C 123 -15.08 -19.16 -1.60
CA TYR C 123 -16.26 -18.45 -1.17
C TYR C 123 -16.68 -18.66 0.29
N TRP C 124 -17.57 -17.81 0.77
CA TRP C 124 -18.05 -17.82 2.15
C TRP C 124 -19.57 -17.91 2.15
N SER C 125 -20.15 -18.63 3.09
CA SER C 125 -21.61 -18.77 3.12
C SER C 125 -22.21 -18.82 4.51
N ALA C 126 -23.48 -18.43 4.60
CA ALA C 126 -24.23 -18.46 5.84
C ALA C 126 -25.69 -18.49 5.43
N SER C 127 -26.52 -19.11 6.24
CA SER C 127 -27.92 -19.17 5.91
C SER C 127 -28.69 -18.30 6.88
N VAL C 128 -29.63 -17.52 6.35
CA VAL C 128 -30.45 -16.63 7.17
C VAL C 128 -31.91 -16.85 6.77
N PRO C 129 -32.84 -16.67 7.73
CA PRO C 129 -34.27 -16.85 7.43
C PRO C 129 -34.69 -16.03 6.22
N ALA C 130 -35.69 -16.50 5.49
CA ALA C 130 -36.14 -15.81 4.28
C ALA C 130 -36.70 -14.41 4.55
N GLY C 131 -36.49 -13.51 3.58
CA GLY C 131 -36.98 -12.15 3.69
C GLY C 131 -36.12 -11.26 4.57
N THR C 132 -35.10 -11.86 5.19
CA THR C 132 -34.20 -11.12 6.06
C THR C 132 -32.77 -11.14 5.59
N PHE C 133 -31.99 -10.20 6.12
CA PHE C 133 -30.59 -10.08 5.80
C PHE C 133 -29.79 -10.45 7.04
N PRO C 134 -28.49 -10.77 6.86
CA PRO C 134 -27.59 -11.15 7.94
C PRO C 134 -27.56 -10.23 9.15
N THR C 135 -27.76 -10.82 10.33
CA THR C 135 -27.75 -10.07 11.58
C THR C 135 -26.33 -10.12 12.13
N SER C 136 -26.04 -9.26 13.11
CA SER C 136 -24.70 -9.23 13.70
C SER C 136 -24.33 -10.61 14.25
N ALA C 137 -25.35 -11.36 14.69
CA ALA C 137 -25.15 -12.68 15.25
C ALA C 137 -24.78 -13.77 14.22
N THR C 138 -25.04 -13.51 12.94
CA THR C 138 -24.73 -14.48 11.89
C THR C 138 -23.23 -14.58 11.63
N THR C 139 -22.76 -15.82 11.47
CA THR C 139 -21.35 -16.11 11.21
C THR C 139 -21.15 -16.80 9.86
N PHE C 140 -20.08 -16.43 9.16
CA PHE C 140 -19.77 -17.02 7.86
C PHE C 140 -18.66 -18.07 7.87
N ASN C 141 -18.80 -19.04 6.98
CA ASN C 141 -17.82 -20.10 6.91
C ASN C 141 -17.26 -20.13 5.49
N PRO C 142 -15.97 -20.45 5.37
CA PRO C 142 -15.26 -20.53 4.10
C PRO C 142 -15.26 -21.91 3.50
N VAL C 143 -14.88 -21.97 2.23
CA VAL C 143 -14.77 -23.22 1.53
C VAL C 143 -13.49 -23.10 0.71
N ASN C 144 -12.43 -23.68 1.24
CA ASN C 144 -11.14 -23.60 0.58
C ASN C 144 -11.21 -24.05 -0.87
N TYR C 145 -10.14 -23.73 -1.58
CA TYR C 145 -9.98 -24.12 -2.97
C TYR C 145 -9.15 -25.38 -2.84
N PRO C 146 -9.28 -26.30 -3.79
CA PRO C 146 -8.49 -27.53 -3.69
C PRO C 146 -7.01 -27.24 -3.41
N GLY C 147 -6.47 -27.88 -2.37
CA GLY C 147 -5.06 -27.72 -2.06
C GLY C 147 -4.65 -26.56 -1.16
N PHE C 148 -5.61 -25.96 -0.47
CA PHE C 148 -5.31 -24.85 0.42
C PHE C 148 -4.21 -25.25 1.40
N THR C 149 -4.47 -26.32 2.15
CA THR C 149 -3.54 -26.85 3.15
C THR C 149 -2.08 -26.89 2.67
N SER C 150 -1.91 -27.38 1.45
CA SER C 150 -0.59 -27.53 0.83
C SER C 150 0.29 -26.28 0.76
N MET C 151 -0.31 -25.19 0.31
CA MET C 151 0.43 -23.93 0.14
C MET C 151 0.56 -23.00 1.33
N PHE C 152 -0.37 -23.08 2.28
CA PHE C 152 -0.32 -22.18 3.40
C PHE C 152 -0.09 -22.85 4.74
N GLY C 153 0.41 -24.07 4.68
CA GLY C 153 0.70 -24.80 5.88
C GLY C 153 -0.51 -25.17 6.73
N THR C 154 -0.22 -25.50 7.98
CA THR C 154 -1.23 -25.94 8.93
C THR C 154 -1.55 -24.91 10.02
N THR C 155 -0.58 -24.08 10.37
CA THR C 155 -0.81 -23.08 11.40
C THR C 155 -0.84 -21.69 10.79
N SER C 156 -1.53 -20.78 11.45
CA SER C 156 -1.62 -19.41 10.99
C SER C 156 -0.22 -18.82 10.90
N THR C 157 0.72 -19.49 11.55
CA THR C 157 2.14 -19.10 11.59
C THR C 157 2.91 -19.59 10.35
N SER C 158 2.29 -20.50 9.60
CA SER C 158 2.91 -21.09 8.41
C SER C 158 2.50 -20.49 7.06
N ARG C 159 1.47 -19.66 7.05
CA ARG C 159 0.99 -19.05 5.81
C ARG C 159 2.10 -18.50 4.90
N SER C 160 2.92 -17.63 5.43
CA SER C 160 3.99 -17.04 4.64
C SER C 160 5.10 -17.89 4.11
N ASN C 161 5.36 -19.05 4.67
CA ASN C 161 6.45 -19.84 4.16
C ASN C 161 6.35 -20.26 2.73
N GLN C 162 5.17 -20.65 2.28
CA GLN C 162 5.10 -21.05 0.90
C GLN C 162 5.43 -19.94 -0.10
N VAL C 163 4.97 -18.72 0.15
CA VAL C 163 5.24 -17.61 -0.76
C VAL C 163 5.11 -16.26 -0.07
N SER C 164 5.71 -15.21 -0.61
CA SER C 164 5.62 -13.89 0.03
C SER C 164 4.44 -12.97 -0.30
N SER C 165 4.19 -12.68 -1.57
CA SER C 165 3.06 -11.80 -1.90
C SER C 165 2.22 -12.27 -3.08
N PHE C 166 1.06 -11.63 -3.29
CA PHE C 166 0.13 -12.00 -4.36
C PHE C 166 -0.47 -10.79 -5.09
N ARG C 167 -1.13 -11.07 -6.22
CA ARG C 167 -1.76 -10.05 -7.04
C ARG C 167 -2.88 -10.77 -7.82
N TYR C 168 -4.13 -10.34 -7.59
CA TYR C 168 -5.30 -10.96 -8.23
C TYR C 168 -5.56 -10.59 -9.68
N ALA C 169 -5.80 -11.59 -10.52
CA ALA C 169 -6.07 -11.36 -11.93
C ALA C 169 -7.58 -11.24 -12.17
N SER C 170 -8.29 -12.33 -11.91
CA SER C 170 -9.73 -12.34 -12.11
C SER C 170 -10.45 -13.13 -11.05
N MET C 171 -11.76 -12.93 -11.02
CA MET C 171 -12.64 -13.63 -10.11
C MET C 171 -13.77 -14.08 -11.01
N ASN C 172 -13.96 -15.39 -11.14
CA ASN C 172 -15.03 -15.89 -12.00
C ASN C 172 -15.91 -16.89 -11.26
N VAL C 173 -17.23 -16.68 -11.35
CA VAL C 173 -18.20 -17.53 -10.68
C VAL C 173 -19.31 -18.10 -11.55
N GLY C 174 -19.59 -19.38 -11.36
CA GLY C 174 -20.63 -20.01 -12.12
C GLY C 174 -21.68 -20.63 -11.25
N ILE C 175 -22.90 -20.67 -11.78
CA ILE C 175 -24.02 -21.26 -11.08
C ILE C 175 -24.83 -22.03 -12.08
N TYR C 176 -25.01 -23.31 -11.82
CA TYR C 176 -25.77 -24.11 -12.74
C TYR C 176 -26.91 -24.83 -12.05
N PRO C 177 -28.14 -24.48 -12.42
CA PRO C 177 -29.33 -25.10 -11.83
C PRO C 177 -29.27 -26.62 -12.02
N THR C 178 -29.48 -27.36 -10.93
CA THR C 178 -29.45 -28.82 -10.97
C THR C 178 -30.75 -29.40 -10.42
N SER C 179 -31.80 -28.59 -10.42
CA SER C 179 -33.10 -29.00 -9.93
C SER C 179 -34.00 -29.38 -11.09
N ASN C 180 -35.12 -30.00 -10.76
CA ASN C 180 -36.12 -30.38 -11.75
C ASN C 180 -36.90 -29.10 -11.93
N LEU C 181 -37.52 -28.93 -13.08
CA LEU C 181 -38.27 -27.72 -13.36
C LEU C 181 -39.59 -27.64 -12.59
N MET C 182 -40.00 -28.76 -12.01
CA MET C 182 -41.26 -28.84 -11.28
C MET C 182 -41.33 -28.35 -9.83
N GLN C 183 -40.22 -28.45 -9.09
CA GLN C 183 -40.25 -28.03 -7.71
C GLN C 183 -39.27 -26.91 -7.39
N PHE C 184 -38.49 -26.51 -8.38
CA PHE C 184 -37.55 -25.42 -8.20
C PHE C 184 -38.39 -24.17 -7.95
N ALA C 185 -37.90 -23.28 -7.12
CA ALA C 185 -38.60 -22.04 -6.81
C ALA C 185 -37.59 -21.08 -6.21
N GLY C 186 -37.79 -19.79 -6.39
CA GLY C 186 -36.85 -18.85 -5.81
C GLY C 186 -36.15 -17.94 -6.82
N SER C 187 -35.23 -17.12 -6.32
CA SER C 187 -34.51 -16.16 -7.14
C SER C 187 -33.07 -15.90 -6.71
N ILE C 188 -32.21 -15.60 -7.69
CA ILE C 188 -30.80 -15.29 -7.44
C ILE C 188 -30.59 -13.79 -7.63
N THR C 189 -29.92 -13.14 -6.68
CA THR C 189 -29.67 -11.69 -6.78
C THR C 189 -28.18 -11.39 -6.60
N VAL C 190 -27.65 -10.48 -7.41
CA VAL C 190 -26.23 -10.17 -7.32
C VAL C 190 -25.82 -8.73 -7.57
N TRP C 191 -24.88 -8.27 -6.76
CA TRP C 191 -24.31 -6.93 -6.88
C TRP C 191 -22.89 -7.07 -6.37
N LYS C 192 -22.02 -6.11 -6.69
CA LYS C 192 -20.64 -6.18 -6.24
C LYS C 192 -20.42 -5.16 -5.13
N CYS C 193 -19.76 -5.58 -4.06
CA CYS C 193 -19.48 -4.69 -2.94
C CYS C 193 -17.99 -4.34 -2.90
N PRO C 194 -17.67 -3.03 -2.85
CA PRO C 194 -16.29 -2.52 -2.82
C PRO C 194 -15.63 -2.66 -1.44
N VAL C 195 -15.47 -3.89 -0.97
CA VAL C 195 -14.85 -4.08 0.34
C VAL C 195 -13.34 -4.07 0.34
N LYS C 196 -12.81 -3.38 1.36
CA LYS C 196 -11.37 -3.23 1.57
C LYS C 196 -11.05 -3.55 3.04
N LEU C 197 -9.80 -3.93 3.26
CA LEU C 197 -9.36 -4.29 4.59
C LEU C 197 -8.49 -3.28 5.27
N SER C 198 -8.92 -2.92 6.46
CA SER C 198 -8.24 -1.96 7.28
C SER C 198 -8.47 -2.15 8.75
N THR C 199 -7.69 -1.40 9.50
CA THR C 199 -7.69 -1.38 10.95
C THR C 199 -8.47 -0.32 11.70
N VAL C 200 -8.70 -0.61 12.98
CA VAL C 200 -9.40 0.23 13.93
C VAL C 200 -8.75 0.13 15.32
N GLN C 201 -8.34 1.28 15.86
CA GLN C 201 -7.70 1.36 17.18
C GLN C 201 -8.69 1.88 18.24
N PHE C 202 -8.77 1.15 19.35
CA PHE C 202 -9.67 1.52 20.44
C PHE C 202 -8.90 1.23 21.73
N PRO C 203 -9.00 2.14 22.71
CA PRO C 203 -8.30 1.96 23.99
C PRO C 203 -8.86 0.83 24.88
N VAL C 204 -7.96 0.19 25.64
CA VAL C 204 -8.34 -0.89 26.57
C VAL C 204 -7.67 -0.67 27.93
N ALA C 205 -8.40 -0.97 28.99
CA ALA C 205 -7.88 -0.79 30.34
C ALA C 205 -7.23 -2.04 30.90
N THR C 206 -5.92 -1.97 31.04
CA THR C 206 -5.11 -3.05 31.58
C THR C 206 -4.15 -2.32 32.47
N ASP C 207 -3.23 -3.04 33.12
CA ASP C 207 -2.30 -2.35 33.99
C ASP C 207 -0.84 -2.59 33.64
N PRO C 208 -0.17 -1.60 33.01
CA PRO C 208 -0.74 -0.29 32.63
C PRO C 208 -1.66 -0.38 31.42
N ALA C 209 -2.57 0.58 31.28
CA ALA C 209 -3.51 0.58 30.17
C ALA C 209 -2.92 1.01 28.82
N THR C 210 -3.38 0.38 27.74
CA THR C 210 -2.91 0.69 26.38
C THR C 210 -4.06 0.58 25.38
N SER C 211 -3.85 1.05 24.15
CA SER C 211 -4.87 0.98 23.10
C SER C 211 -4.44 0.08 21.94
N SER C 212 -4.81 -1.21 22.03
CA SER C 212 -4.46 -2.17 20.99
C SER C 212 -5.15 -1.77 19.69
N LEU C 213 -4.46 -2.02 18.59
CA LEU C 213 -4.94 -1.69 17.27
C LEU C 213 -4.98 -2.97 16.42
N VAL C 214 -6.09 -3.21 15.72
CA VAL C 214 -6.22 -4.41 14.87
C VAL C 214 -7.01 -4.24 13.58
N HIS C 215 -6.85 -5.24 12.70
CA HIS C 215 -7.52 -5.26 11.41
C HIS C 215 -9.03 -5.33 11.53
N THR C 216 -9.72 -4.63 10.64
CA THR C 216 -11.17 -4.62 10.62
C THR C 216 -11.56 -4.47 9.16
N LEU C 217 -12.83 -4.66 8.83
CA LEU C 217 -13.25 -4.53 7.45
C LEU C 217 -14.26 -3.44 7.16
N VAL C 218 -13.94 -2.64 6.15
CA VAL C 218 -14.78 -1.54 5.75
C VAL C 218 -15.62 -1.90 4.52
N GLY C 219 -16.69 -1.12 4.29
CA GLY C 219 -17.56 -1.35 3.15
C GLY C 219 -18.34 -2.64 3.32
N LEU C 220 -18.40 -3.06 4.58
CA LEU C 220 -19.05 -4.29 4.98
C LEU C 220 -20.58 -4.27 4.92
N ASN C 221 -21.16 -3.31 5.62
CA ASN C 221 -22.61 -3.18 5.70
C ASN C 221 -23.28 -3.01 4.33
N GLY C 222 -22.49 -2.73 3.32
CA GLY C 222 -23.06 -2.58 2.00
C GLY C 222 -23.72 -3.91 1.71
N VAL C 223 -23.26 -4.96 2.36
CA VAL C 223 -23.84 -6.26 2.14
C VAL C 223 -25.29 -6.45 2.50
N LEU C 224 -25.76 -5.85 3.56
CA LEU C 224 -27.15 -6.04 3.95
C LEU C 224 -28.24 -5.63 2.99
N ALA C 225 -28.09 -4.51 2.34
CA ALA C 225 -29.15 -4.13 1.44
C ALA C 225 -28.84 -4.44 0.02
N VAL C 226 -29.87 -4.84 -0.71
CA VAL C 226 -29.69 -5.17 -2.12
C VAL C 226 -29.20 -3.96 -2.92
N GLY C 227 -27.93 -3.99 -3.31
CA GLY C 227 -27.33 -2.90 -4.06
C GLY C 227 -28.10 -2.37 -5.25
N PRO C 228 -27.99 -1.06 -5.54
CA PRO C 228 -28.67 -0.41 -6.67
C PRO C 228 -28.32 -1.05 -8.01
N ASP C 229 -27.02 -1.32 -8.20
CA ASP C 229 -26.51 -1.97 -9.43
C ASP C 229 -26.52 -3.48 -9.22
N ASN C 230 -27.56 -4.14 -9.72
CA ASN C 230 -27.66 -5.57 -9.57
C ASN C 230 -28.40 -6.28 -10.68
N PHE C 231 -28.25 -7.59 -10.63
CA PHE C 231 -28.84 -8.53 -11.57
C PHE C 231 -29.76 -9.40 -10.71
N SER C 232 -31.00 -9.63 -11.19
CA SER C 232 -31.95 -10.46 -10.46
C SER C 232 -32.66 -11.37 -11.47
N GLU C 233 -32.79 -12.65 -11.14
CA GLU C 233 -33.45 -13.60 -12.03
C GLU C 233 -33.90 -14.89 -11.33
N SER C 234 -34.84 -15.59 -11.95
CA SER C 234 -35.37 -16.83 -11.43
C SER C 234 -34.23 -17.83 -11.25
N PHE C 235 -34.29 -18.57 -10.14
CA PHE C 235 -33.28 -19.56 -9.83
C PHE C 235 -32.86 -20.38 -11.06
N ILE C 236 -33.82 -21.08 -11.63
CA ILE C 236 -33.59 -21.96 -12.78
C ILE C 236 -32.64 -21.51 -13.89
N LYS C 237 -32.54 -20.20 -14.11
CA LYS C 237 -31.65 -19.73 -15.16
C LYS C 237 -30.22 -19.64 -14.68
N GLY C 238 -30.03 -19.69 -13.36
CA GLY C 238 -28.68 -19.62 -12.79
C GLY C 238 -27.98 -18.35 -13.19
N VAL C 239 -26.66 -18.29 -12.99
CA VAL C 239 -25.89 -17.10 -13.35
C VAL C 239 -24.36 -17.20 -13.30
N PHE C 240 -23.71 -16.40 -14.16
CA PHE C 240 -22.28 -16.33 -14.23
C PHE C 240 -21.91 -14.85 -14.11
N SER C 241 -20.77 -14.58 -13.50
CA SER C 241 -20.26 -13.21 -13.34
C SER C 241 -18.82 -13.20 -12.87
N GLN C 242 -18.17 -12.05 -13.00
CA GLN C 242 -16.79 -11.92 -12.59
C GLN C 242 -16.51 -10.56 -11.94
N SER C 243 -15.31 -10.42 -11.37
CA SER C 243 -14.92 -9.18 -10.73
C SER C 243 -13.59 -8.67 -11.31
N ALA C 244 -13.46 -7.35 -11.35
CA ALA C 244 -12.26 -6.70 -11.88
C ALA C 244 -11.49 -5.97 -10.78
N CYS C 245 -10.22 -5.68 -11.06
CA CYS C 245 -9.37 -4.98 -10.11
C CYS C 245 -9.95 -3.60 -9.78
N ASN C 246 -10.00 -3.27 -8.49
CA ASN C 246 -10.52 -1.99 -8.06
C ASN C 246 -9.42 -0.95 -7.81
N GLU C 247 -8.25 -1.16 -8.41
CA GLU C 247 -7.12 -0.22 -8.27
C GLU C 247 -6.59 0.20 -9.64
N PRO C 248 -6.09 1.44 -9.75
CA PRO C 248 -5.54 1.98 -11.00
C PRO C 248 -4.41 1.11 -11.55
N ASN C 249 -3.51 0.71 -10.66
CA ASN C 249 -2.38 -0.14 -11.02
C ASN C 249 -2.48 -1.42 -10.23
N PHE C 250 -1.79 -2.44 -10.69
CA PHE C 250 -1.80 -3.71 -10.01
C PHE C 250 -0.61 -3.77 -9.09
N GLN C 251 -0.90 -3.83 -7.79
CA GLN C 251 0.16 -3.87 -6.80
C GLN C 251 0.18 -5.20 -6.11
N PHE C 252 1.33 -5.49 -5.49
CA PHE C 252 1.51 -6.72 -4.75
C PHE C 252 1.13 -6.51 -3.29
N ASN C 253 0.15 -7.29 -2.84
CA ASN C 253 -0.30 -7.23 -1.45
C ASN C 253 0.46 -8.33 -0.72
N ASP C 254 0.91 -8.04 0.49
CA ASP C 254 1.66 -9.00 1.28
C ASP C 254 0.75 -10.06 1.93
N ILE C 255 1.35 -11.17 2.36
CA ILE C 255 0.61 -12.25 3.02
C ILE C 255 0.44 -11.91 4.50
N LEU C 256 -0.68 -12.29 5.08
CA LEU C 256 -0.92 -12.02 6.49
C LEU C 256 -0.92 -13.29 7.32
N GLN C 257 -0.25 -13.25 8.45
CA GLN C 257 -0.21 -14.41 9.29
C GLN C 257 -1.01 -14.24 10.57
N GLY C 258 -1.32 -15.36 11.21
CA GLY C 258 -2.08 -15.40 12.43
C GLY C 258 -3.47 -14.81 12.39
N ILE C 259 -4.23 -15.11 11.35
CA ILE C 259 -5.58 -14.57 11.25
C ILE C 259 -6.67 -15.60 10.98
N GLN C 260 -7.00 -16.41 11.97
CA GLN C 260 -8.04 -17.42 11.79
C GLN C 260 -9.42 -16.80 11.59
N THR C 261 -9.73 -15.76 12.36
CA THR C 261 -11.03 -15.11 12.22
C THR C 261 -11.18 -13.62 12.52
N LEU C 262 -12.12 -12.97 11.86
CA LEU C 262 -12.33 -11.55 12.10
C LEU C 262 -13.73 -11.29 12.53
N PRO C 263 -13.87 -10.57 13.61
CA PRO C 263 -12.74 -10.03 14.36
C PRO C 263 -12.05 -11.17 15.03
N PRO C 264 -10.81 -10.94 15.44
CA PRO C 264 -9.98 -11.94 16.10
C PRO C 264 -10.44 -12.10 17.55
N ALA C 265 -10.03 -13.21 18.15
CA ALA C 265 -10.42 -13.54 19.52
C ALA C 265 -9.94 -12.53 20.55
N ASN C 266 -10.79 -12.35 21.56
CA ASN C 266 -10.54 -11.41 22.63
C ASN C 266 -11.01 -10.03 22.21
N VAL C 267 -11.63 -9.98 21.02
CA VAL C 267 -12.15 -8.73 20.48
C VAL C 267 -13.67 -8.85 20.31
N SER C 268 -14.39 -7.86 20.83
CA SER C 268 -15.85 -7.85 20.75
C SER C 268 -16.31 -7.26 19.43
N LEU C 269 -17.28 -7.90 18.77
CA LEU C 269 -17.76 -7.38 17.51
C LEU C 269 -18.33 -5.99 17.79
N GLY C 270 -18.63 -5.24 16.73
CA GLY C 270 -19.18 -3.91 16.93
C GLY C 270 -18.10 -2.99 17.46
N SER C 271 -17.18 -3.56 18.23
CA SER C 271 -16.06 -2.82 18.78
C SER C 271 -15.23 -2.51 17.54
N THR C 272 -15.53 -3.30 16.50
CA THR C 272 -14.91 -3.22 15.20
C THR C 272 -15.83 -2.42 14.27
N GLY C 273 -17.11 -2.38 14.61
CA GLY C 273 -18.06 -1.64 13.79
C GLY C 273 -18.55 -2.50 12.64
N GLN C 274 -17.86 -3.62 12.43
CA GLN C 274 -18.22 -4.58 11.38
C GLN C 274 -19.59 -5.14 11.69
N PRO C 275 -20.47 -5.29 10.67
CA PRO C 275 -21.83 -5.84 10.88
C PRO C 275 -21.96 -7.31 11.32
N PHE C 276 -21.07 -8.20 10.85
CA PHE C 276 -21.13 -9.62 11.23
C PHE C 276 -19.74 -10.25 11.40
N THR C 277 -19.68 -11.52 11.80
CA THR C 277 -18.39 -12.19 12.03
C THR C 277 -17.94 -13.19 10.96
N MET C 278 -16.61 -13.26 10.77
CA MET C 278 -15.98 -14.17 9.80
C MET C 278 -15.10 -15.25 10.41
N ASP C 279 -15.58 -16.49 10.35
CA ASP C 279 -14.86 -17.62 10.94
C ASP C 279 -14.10 -18.44 9.91
N SER C 280 -12.78 -18.48 10.06
CA SER C 280 -11.92 -19.27 9.18
C SER C 280 -12.04 -20.71 9.69
N GLY C 281 -12.27 -20.83 10.99
CA GLY C 281 -12.42 -22.13 11.61
C GLY C 281 -11.12 -22.59 12.22
N ALA C 282 -10.90 -23.90 12.18
CA ALA C 282 -9.67 -24.48 12.71
C ALA C 282 -8.54 -23.80 11.96
N GLU C 283 -7.40 -23.60 12.61
CA GLU C 283 -6.28 -22.95 11.94
C GLU C 283 -5.69 -23.91 10.92
N ALA C 284 -5.75 -25.20 11.24
CA ALA C 284 -5.22 -26.22 10.34
C ALA C 284 -6.13 -26.43 9.11
N THR C 285 -7.43 -26.55 9.35
CA THR C 285 -8.41 -26.78 8.28
C THR C 285 -8.45 -25.66 7.21
N SER C 286 -8.81 -24.45 7.63
CA SER C 286 -8.90 -23.31 6.72
C SER C 286 -8.04 -22.16 7.25
N GLY C 287 -8.19 -20.98 6.66
CA GLY C 287 -7.41 -19.84 7.10
C GLY C 287 -7.51 -18.65 6.18
N VAL C 288 -7.09 -17.49 6.68
CA VAL C 288 -7.12 -16.28 5.89
C VAL C 288 -5.73 -15.74 5.64
N VAL C 289 -5.40 -15.61 4.37
CA VAL C 289 -4.09 -15.16 3.93
C VAL C 289 -3.93 -13.68 3.66
N GLY C 290 -4.79 -13.12 2.82
CA GLY C 290 -4.69 -11.71 2.49
C GLY C 290 -5.96 -11.15 1.88
N TRP C 291 -5.90 -9.87 1.49
CA TRP C 291 -7.05 -9.19 0.90
C TRP C 291 -6.67 -8.55 -0.44
N GLY C 292 -7.17 -9.13 -1.53
CA GLY C 292 -6.86 -8.60 -2.85
C GLY C 292 -7.63 -7.35 -3.20
N ASN C 293 -7.08 -6.56 -4.11
CA ASN C 293 -7.76 -5.34 -4.54
C ASN C 293 -8.81 -5.73 -5.56
N MET C 294 -9.82 -6.47 -5.10
CA MET C 294 -10.88 -6.92 -5.97
C MET C 294 -12.21 -6.63 -5.29
N ASP C 295 -13.14 -6.08 -6.05
CA ASP C 295 -14.45 -5.80 -5.50
C ASP C 295 -15.05 -7.15 -5.25
N THR C 296 -15.38 -7.40 -4.00
CA THR C 296 -15.97 -8.67 -3.62
C THR C 296 -17.39 -8.77 -4.18
N ILE C 297 -17.75 -9.94 -4.67
CA ILE C 297 -19.06 -10.17 -5.24
C ILE C 297 -19.98 -10.75 -4.18
N VAL C 298 -21.26 -10.36 -4.22
CA VAL C 298 -22.25 -10.85 -3.25
C VAL C 298 -23.42 -11.52 -3.96
N ILE C 299 -23.85 -12.67 -3.44
CA ILE C 299 -24.94 -13.43 -4.04
C ILE C 299 -26.01 -13.97 -3.10
N ARG C 300 -27.24 -13.51 -3.27
CA ARG C 300 -28.33 -13.98 -2.42
C ARG C 300 -29.20 -14.96 -3.16
N VAL C 301 -29.61 -16.01 -2.47
CA VAL C 301 -30.46 -17.01 -3.06
C VAL C 301 -31.70 -17.19 -2.22
N SER C 302 -32.82 -16.66 -2.73
CA SER C 302 -34.10 -16.76 -2.02
C SER C 302 -34.73 -18.14 -2.24
N ALA C 303 -34.86 -18.91 -1.16
CA ALA C 303 -35.44 -20.23 -1.25
C ALA C 303 -36.83 -20.29 -0.61
N PRO C 304 -37.91 -20.01 -1.38
CA PRO C 304 -39.27 -20.03 -0.83
C PRO C 304 -39.51 -21.41 -0.21
N GLU C 305 -40.21 -21.46 0.93
CA GLU C 305 -40.42 -22.73 1.60
C GLU C 305 -41.10 -23.82 0.79
N GLY C 306 -40.51 -25.02 0.87
CA GLY C 306 -41.04 -26.16 0.15
C GLY C 306 -40.36 -26.28 -1.21
N ALA C 307 -39.26 -25.57 -1.39
CA ALA C 307 -38.54 -25.58 -2.65
C ALA C 307 -37.44 -26.63 -2.71
N VAL C 308 -37.24 -27.15 -3.92
CA VAL C 308 -36.21 -28.16 -4.21
C VAL C 308 -35.19 -27.50 -5.15
N ASN C 309 -34.26 -26.74 -4.56
CA ASN C 309 -33.23 -26.03 -5.33
C ASN C 309 -31.78 -26.46 -5.04
N SER C 310 -31.13 -27.07 -6.02
CA SER C 310 -29.74 -27.50 -5.88
C SER C 310 -29.01 -27.02 -7.12
N ALA C 311 -27.69 -26.92 -7.05
CA ALA C 311 -26.93 -26.48 -8.20
C ALA C 311 -25.43 -26.67 -8.03
N ILE C 312 -24.75 -26.77 -9.17
CA ILE C 312 -23.30 -26.94 -9.23
C ILE C 312 -22.70 -25.54 -9.26
N LEU C 313 -21.55 -25.41 -8.64
CA LEU C 313 -20.89 -24.12 -8.54
C LEU C 313 -19.44 -24.24 -8.98
N LYS C 314 -18.99 -23.29 -9.80
CA LYS C 314 -17.62 -23.29 -10.29
C LYS C 314 -16.90 -21.94 -10.07
N ALA C 315 -15.62 -22.00 -9.69
CA ALA C 315 -14.83 -20.81 -9.42
C ALA C 315 -13.51 -20.71 -10.20
N TRP C 316 -13.28 -19.58 -10.86
CA TRP C 316 -12.05 -19.33 -11.64
C TRP C 316 -11.35 -18.12 -11.11
N SER C 317 -10.29 -18.36 -10.35
CA SER C 317 -9.54 -17.27 -9.82
C SER C 317 -8.16 -17.33 -10.44
N CYS C 318 -7.92 -16.46 -11.43
CA CYS C 318 -6.61 -16.41 -12.07
C CYS C 318 -5.80 -15.55 -11.08
N ILE C 319 -4.73 -16.10 -10.53
CA ILE C 319 -3.91 -15.40 -9.53
C ILE C 319 -2.40 -15.62 -9.70
N GLU C 320 -1.61 -14.63 -9.31
CA GLU C 320 -0.14 -14.70 -9.39
C GLU C 320 0.51 -14.49 -8.03
N TYR C 321 1.52 -15.30 -7.71
CA TYR C 321 2.26 -15.18 -6.44
C TYR C 321 3.75 -15.11 -6.76
N ARG C 322 4.57 -14.95 -5.74
CA ARG C 322 6.03 -14.90 -5.91
C ARG C 322 6.62 -16.02 -5.04
N PRO C 323 7.35 -16.96 -5.66
CA PRO C 323 7.95 -18.08 -4.92
C PRO C 323 9.18 -17.79 -4.05
N ASN C 324 9.30 -18.55 -2.97
CA ASN C 324 10.44 -18.44 -2.08
C ASN C 324 11.35 -19.56 -2.50
N PRO C 325 12.66 -19.29 -2.60
CA PRO C 325 13.58 -20.35 -3.00
C PRO C 325 13.40 -21.67 -2.26
N ASN C 326 13.15 -21.64 -0.95
CA ASN C 326 12.96 -22.89 -0.21
C ASN C 326 11.62 -23.51 -0.60
N ALA C 327 10.70 -22.70 -1.11
CA ALA C 327 9.40 -23.22 -1.55
C ALA C 327 9.68 -24.09 -2.76
N MET C 328 9.35 -25.37 -2.66
CA MET C 328 9.60 -26.30 -3.76
C MET C 328 8.83 -25.93 -5.03
N LEU C 329 7.78 -25.14 -4.87
CA LEU C 329 6.94 -24.71 -5.98
C LEU C 329 7.74 -23.83 -6.95
N TYR C 330 8.75 -23.16 -6.46
CA TYR C 330 9.56 -22.27 -7.25
C TYR C 330 10.05 -22.79 -8.57
N GLN C 331 10.04 -24.08 -8.75
CA GLN C 331 10.52 -24.62 -10.01
C GLN C 331 9.79 -24.13 -11.23
N PHE C 332 8.49 -23.91 -11.14
CA PHE C 332 7.74 -23.46 -12.30
C PHE C 332 7.51 -21.99 -12.45
N GLY C 333 8.36 -21.19 -11.86
CA GLY C 333 8.18 -19.74 -11.94
C GLY C 333 8.78 -19.11 -13.19
N HIS C 334 7.94 -18.35 -13.92
CA HIS C 334 8.32 -17.65 -15.16
C HIS C 334 8.06 -16.15 -15.00
N ASP C 335 9.08 -15.33 -15.26
CA ASP C 335 8.99 -13.87 -15.11
C ASP C 335 7.74 -13.22 -15.71
N SER C 336 7.19 -12.23 -14.99
CA SER C 336 6.00 -11.51 -15.45
C SER C 336 6.25 -11.07 -16.88
N PRO C 337 5.37 -11.48 -17.80
CA PRO C 337 5.55 -11.09 -19.20
C PRO C 337 5.61 -9.58 -19.37
N PRO C 338 6.50 -9.11 -20.25
CA PRO C 338 6.66 -7.68 -20.50
C PRO C 338 5.34 -7.00 -20.79
N LEU C 339 5.24 -5.75 -20.34
CA LEU C 339 4.03 -4.97 -20.50
C LEU C 339 3.58 -4.80 -21.93
N ASP C 340 2.27 -4.91 -22.09
CA ASP C 340 1.62 -4.76 -23.38
C ASP C 340 0.48 -3.75 -23.18
N GLU C 341 0.73 -2.51 -23.59
CA GLU C 341 -0.21 -1.39 -23.46
C GLU C 341 -1.69 -1.64 -23.82
N VAL C 342 -1.94 -2.34 -24.93
CA VAL C 342 -3.31 -2.62 -25.34
C VAL C 342 -4.02 -3.63 -24.43
N ALA C 343 -3.28 -4.59 -23.89
CA ALA C 343 -3.87 -5.57 -22.99
C ALA C 343 -4.50 -4.82 -21.83
N LEU C 344 -3.74 -3.85 -21.30
CA LEU C 344 -4.16 -3.03 -20.18
C LEU C 344 -5.38 -2.17 -20.54
N GLN C 345 -5.46 -1.78 -21.80
CA GLN C 345 -6.58 -0.97 -22.27
C GLN C 345 -7.82 -1.84 -22.34
N GLU C 346 -7.64 -3.04 -22.90
CA GLU C 346 -8.73 -4.00 -23.06
C GLU C 346 -9.27 -4.47 -21.73
N TYR C 347 -8.38 -4.91 -20.84
CA TYR C 347 -8.82 -5.38 -19.53
C TYR C 347 -9.74 -4.32 -18.94
N ARG C 348 -9.21 -3.09 -18.84
CA ARG C 348 -9.95 -1.97 -18.29
C ARG C 348 -11.25 -1.71 -19.04
N THR C 349 -11.14 -1.62 -20.37
CA THR C 349 -12.27 -1.34 -21.24
C THR C 349 -13.42 -2.33 -21.10
N VAL C 350 -13.09 -3.62 -21.18
CA VAL C 350 -14.11 -4.65 -21.08
C VAL C 350 -14.65 -4.85 -19.68
N ALA C 351 -13.81 -4.65 -18.67
CA ALA C 351 -14.27 -4.78 -17.30
C ALA C 351 -15.44 -3.83 -17.13
N ARG C 352 -15.23 -2.60 -17.58
CA ARG C 352 -16.20 -1.51 -17.53
C ARG C 352 -17.46 -1.74 -18.39
N SER C 353 -17.31 -2.48 -19.48
CA SER C 353 -18.42 -2.77 -20.40
C SER C 353 -19.29 -3.97 -20.05
N LEU C 354 -18.86 -4.74 -19.05
CA LEU C 354 -19.59 -5.94 -18.67
C LEU C 354 -20.71 -5.78 -17.65
N PRO C 355 -21.83 -6.50 -17.86
CA PRO C 355 -22.98 -6.44 -16.94
C PRO C 355 -22.56 -6.94 -15.55
N VAL C 356 -23.26 -6.50 -14.52
CA VAL C 356 -22.94 -6.93 -13.17
C VAL C 356 -22.91 -8.47 -13.16
N ALA C 357 -23.89 -9.08 -13.82
CA ALA C 357 -24.02 -10.53 -13.93
C ALA C 357 -24.74 -10.93 -15.22
N VAL C 358 -24.69 -12.23 -15.55
CA VAL C 358 -25.34 -12.74 -16.76
C VAL C 358 -25.96 -14.11 -16.50
N ILE C 359 -26.91 -14.52 -17.34
CA ILE C 359 -27.56 -15.81 -17.18
C ILE C 359 -26.56 -16.97 -17.15
N ALA C 360 -26.95 -18.08 -16.53
CA ALA C 360 -26.09 -19.25 -16.44
C ALA C 360 -25.85 -19.84 -17.81
N ALA C 361 -26.92 -20.00 -18.59
CA ALA C 361 -26.83 -20.58 -19.94
C ALA C 361 -25.93 -19.78 -20.89
N GLN C 362 -25.58 -18.55 -20.51
CA GLN C 362 -24.75 -17.67 -21.32
C GLN C 362 -23.40 -17.37 -20.63
N ASN C 363 -22.76 -18.41 -20.12
CA ASN C 363 -21.49 -18.27 -19.42
C ASN C 363 -20.35 -18.01 -20.41
N VAL D 7 -2.68 29.91 -14.57
CA VAL D 7 -3.38 28.70 -15.08
C VAL D 7 -3.53 28.74 -16.62
N LYS D 8 -3.41 27.56 -17.24
CA LYS D 8 -3.52 27.39 -18.70
C LYS D 8 -2.41 28.14 -19.47
N SER D 9 -1.18 28.05 -18.95
CA SER D 9 0.00 28.70 -19.54
C SER D 9 0.48 28.07 -20.85
N ILE D 10 1.00 26.83 -20.79
CA ILE D 10 1.48 26.14 -22.00
C ILE D 10 0.30 25.79 -22.91
N GLU E 5 27.50 -1.20 -24.94
CA GLU E 5 27.04 -2.56 -24.54
C GLU E 5 26.25 -2.51 -23.23
N ARG E 6 26.90 -2.86 -22.12
CA ARG E 6 26.26 -2.86 -20.80
C ARG E 6 26.65 -1.63 -19.98
N VAL E 7 27.74 -0.97 -20.36
CA VAL E 7 28.19 0.24 -19.65
C VAL E 7 27.53 1.51 -20.25
N LYS E 8 27.11 1.42 -21.51
CA LYS E 8 26.42 2.52 -22.21
C LYS E 8 25.94 2.05 -23.59
N ALA F 1 -25.74 -15.58 -27.56
CA ALA F 1 -24.33 -15.14 -27.67
C ALA F 1 -23.54 -15.60 -26.44
N SER F 2 -22.42 -16.30 -26.67
CA SER F 2 -21.60 -16.78 -25.55
C SER F 2 -20.80 -15.64 -24.90
N MET F 3 -20.02 -15.97 -23.88
CA MET F 3 -19.24 -14.96 -23.18
C MET F 3 -17.98 -14.46 -23.87
N TRP F 4 -17.23 -15.34 -24.53
CA TRP F 4 -16.02 -14.90 -25.23
C TRP F 4 -16.41 -14.02 -26.43
N GLU F 5 -17.70 -13.94 -26.71
CA GLU F 5 -18.20 -13.13 -27.84
C GLU F 5 -18.85 -11.81 -27.40
N ARG F 6 -19.06 -11.67 -26.09
CA ARG F 6 -19.60 -10.43 -25.52
C ARG F 6 -18.33 -9.68 -25.10
N VAL F 7 -17.23 -10.44 -25.13
CA VAL F 7 -15.88 -9.98 -24.78
C VAL F 7 -15.14 -9.51 -26.06
N LYS F 8 -15.11 -10.39 -27.07
CA LYS F 8 -14.45 -10.11 -28.34
C LYS F 8 -15.27 -9.14 -29.20
N SER F 9 -16.48 -8.84 -28.74
CA SER F 9 -17.39 -7.92 -29.44
C SER F 9 -17.07 -6.48 -29.05
N ILE F 10 -16.74 -6.26 -27.78
CA ILE F 10 -16.40 -4.92 -27.31
C ILE F 10 -14.90 -4.65 -27.55
N ILE F 11 -14.16 -5.68 -28.00
CA ILE F 11 -12.72 -5.59 -28.30
C ILE F 11 -12.49 -4.99 -29.69
N LYS F 12 -13.20 -5.51 -30.68
CA LYS F 12 -13.09 -5.02 -32.05
C LYS F 12 -13.96 -3.76 -32.17
N SER F 13 -14.75 -3.49 -31.12
CA SER F 13 -15.65 -2.33 -31.03
C SER F 13 -14.96 -1.09 -30.44
N SER F 14 -14.12 -1.31 -29.44
CA SER F 14 -13.40 -0.23 -28.80
C SER F 14 -12.06 0.01 -29.50
N LEU F 15 -11.48 -1.06 -30.03
CA LEU F 15 -10.21 -0.98 -30.75
C LEU F 15 -10.43 -0.38 -32.15
N ALA F 16 -11.63 -0.55 -32.70
CA ALA F 16 -11.94 0.00 -34.01
C ALA F 16 -12.42 1.45 -33.84
N ALA F 17 -13.01 1.75 -32.68
CA ALA F 17 -13.51 3.09 -32.37
C ALA F 17 -12.38 3.95 -31.78
N ALA F 18 -11.66 4.65 -32.66
CA ALA F 18 -10.55 5.53 -32.27
C ALA F 18 -9.75 5.92 -33.50
#